data_4I9E
#
_entry.id   4I9E
#
_cell.length_a   97.210
_cell.length_b   97.210
_cell.length_c   203.155
_cell.angle_alpha   90.00
_cell.angle_beta   90.00
_cell.angle_gamma   120.00
#
_symmetry.space_group_name_H-M   'P 31 2 1'
#
loop_
_entity.id
_entity.type
_entity.pdbx_description
1 polymer 'Response regulator aspartate phosphatase F'
2 branched beta-D-fructofuranose-(2-1)-alpha-D-glucopyranose
3 water water
#
_entity_poly.entity_id   1
_entity_poly.type   'polypeptide(L)'
_entity_poly.pdbx_seq_one_letter_code
;GAMTGVISSSSIGEKINEWYMYIRRFSIPDAEYLRREIKQELDQMEEDQDLHLYYSLMEFRHNLMLEYLEPLEKMRIEEQ
PRLSDLLLEIDKKQARLTGLLEYYFNFFRGMYELDQREYLSAIKFFKKAESKLIFVKDRIEKAEFFFKMSESYYYMKQTY
FSMDYARQAYEIYKEHEAYNIRLLQCHSLFATNFLDLKQYEDAISHFQKAYSMAEAEKQPQLMGRTLYNIGLCKNSQSQY
EDAIPYFKRAIAVFEESNILPSLPQAYFLITQIHYKLGKIDKAHEYHSKGMAYSQKAGDVIYLSEFEFLKSLYLSGPDEE
AIQGFFDFLESKMLYADLEDFAIDVAKYYHERKNFQKASAYFLKVEQVRQLIQGGVSLYEIEV
;
_entity_poly.pdbx_strand_id   A,B
#
# COMPACT_ATOMS: atom_id res chain seq x y z
N GLY A 1 -1.84 -11.81 -15.30
CA GLY A 1 -1.67 -11.92 -13.80
C GLY A 1 -2.72 -12.86 -13.23
N ALA A 2 -2.94 -12.86 -11.92
CA ALA A 2 -3.92 -13.77 -11.32
C ALA A 2 -5.36 -13.54 -11.76
N MET A 3 -6.09 -14.63 -11.92
CA MET A 3 -7.51 -14.54 -12.17
C MET A 3 -8.24 -14.15 -10.93
N THR A 4 -8.98 -13.06 -11.03
CA THR A 4 -9.60 -12.53 -9.85
C THR A 4 -11.05 -13.00 -9.56
N GLY A 5 -12.07 -12.69 -10.41
CA GLY A 5 -12.26 -11.41 -11.13
C GLY A 5 -13.74 -11.07 -11.31
N VAL A 6 -14.01 -10.10 -12.21
CA VAL A 6 -15.27 -9.91 -13.03
C VAL A 6 -16.15 -8.60 -13.05
N ILE A 7 -16.88 -8.29 -11.97
CA ILE A 7 -18.29 -7.80 -12.13
C ILE A 7 -18.77 -6.34 -11.81
N SER A 8 -17.94 -5.34 -12.10
CA SER A 8 -18.25 -3.95 -11.75
C SER A 8 -19.63 -3.45 -12.25
N SER A 9 -20.18 -2.49 -11.52
CA SER A 9 -21.32 -1.69 -11.98
C SER A 9 -21.25 -0.43 -11.14
N SER A 10 -20.08 0.17 -11.22
CA SER A 10 -19.81 1.41 -10.53
C SER A 10 -20.69 2.48 -11.17
N SER A 11 -21.05 2.25 -12.43
CA SER A 11 -22.06 3.03 -13.12
C SER A 11 -23.35 3.28 -12.25
N ILE A 12 -24.00 2.20 -11.80
CA ILE A 12 -25.33 2.32 -11.19
C ILE A 12 -25.36 2.95 -9.79
N GLY A 13 -24.35 2.61 -8.99
CA GLY A 13 -24.22 3.08 -7.65
C GLY A 13 -24.08 4.55 -7.70
N GLU A 14 -23.28 5.06 -8.62
CA GLU A 14 -23.04 6.46 -8.71
C GLU A 14 -24.30 7.19 -9.25
N LYS A 15 -25.11 6.50 -10.06
CA LYS A 15 -26.41 7.03 -10.47
C LYS A 15 -27.36 7.17 -9.29
N ILE A 16 -27.42 6.19 -8.39
CA ILE A 16 -28.17 6.32 -7.19
C ILE A 16 -27.67 7.51 -6.35
N ASN A 17 -26.35 7.73 -6.29
CA ASN A 17 -25.80 8.90 -5.57
C ASN A 17 -26.25 10.20 -6.14
N GLU A 18 -26.29 10.28 -7.47
CA GLU A 18 -26.79 11.47 -8.12
C GLU A 18 -28.27 11.72 -7.85
N TRP A 19 -29.07 10.66 -7.92
CA TRP A 19 -30.49 10.66 -7.53
C TRP A 19 -30.65 11.24 -6.12
N TYR A 20 -29.85 10.74 -5.18
CA TYR A 20 -29.81 11.31 -3.83
C TYR A 20 -29.50 12.79 -3.78
N MET A 21 -28.53 13.24 -4.57
CA MET A 21 -28.24 14.65 -4.71
C MET A 21 -29.47 15.43 -5.21
N TYR A 22 -30.23 14.86 -6.14
CA TYR A 22 -31.40 15.55 -6.64
C TYR A 22 -32.50 15.55 -5.62
N ILE A 23 -32.63 14.46 -4.89
CA ILE A 23 -33.58 14.34 -3.77
C ILE A 23 -33.31 15.41 -2.69
N ARG A 24 -32.06 15.58 -2.27
CA ARG A 24 -31.74 16.59 -1.27
C ARG A 24 -31.96 18.01 -1.70
N ARG A 25 -31.92 18.24 -2.99
CA ARG A 25 -32.27 19.53 -3.58
C ARG A 25 -33.76 19.71 -3.93
N PHE A 26 -34.58 18.66 -3.89
CA PHE A 26 -35.98 18.70 -4.30
C PHE A 26 -36.09 19.00 -5.81
N SER A 27 -35.16 18.43 -6.59
CA SER A 27 -35.14 18.46 -8.07
C SER A 27 -35.99 17.29 -8.53
N ILE A 28 -37.27 17.56 -8.65
CA ILE A 28 -38.31 16.58 -8.74
C ILE A 28 -38.32 15.84 -10.06
N PRO A 29 -38.31 16.58 -11.19
CA PRO A 29 -38.22 15.85 -12.49
C PRO A 29 -36.96 15.00 -12.61
N ASP A 30 -35.82 15.54 -12.18
CA ASP A 30 -34.63 14.80 -12.23
C ASP A 30 -34.67 13.57 -11.31
N ALA A 31 -35.26 13.72 -10.11
CA ALA A 31 -35.30 12.60 -9.16
C ALA A 31 -36.19 11.49 -9.69
N GLU A 32 -37.37 11.87 -10.24
CA GLU A 32 -38.32 10.95 -10.91
C GLU A 32 -37.72 10.21 -12.11
N TYR A 33 -36.98 10.94 -12.94
CA TYR A 33 -36.30 10.33 -14.09
C TYR A 33 -35.36 9.21 -13.66
N LEU A 34 -34.44 9.50 -12.73
CA LEU A 34 -33.47 8.51 -12.23
C LEU A 34 -34.15 7.41 -11.44
N ARG A 35 -35.11 7.76 -10.58
CA ARG A 35 -35.87 6.74 -9.90
C ARG A 35 -36.32 5.67 -10.89
N ARG A 36 -36.87 6.10 -12.04
CA ARG A 36 -37.32 5.20 -13.17
C ARG A 36 -36.22 4.49 -13.98
N GLU A 37 -35.17 5.22 -14.34
CA GLU A 37 -34.09 4.72 -15.18
C GLU A 37 -33.29 3.61 -14.49
N ILE A 38 -32.86 3.92 -13.26
CA ILE A 38 -32.15 2.98 -12.42
C ILE A 38 -33.00 1.71 -12.13
N LYS A 39 -34.29 1.85 -11.79
CA LYS A 39 -35.11 0.67 -11.62
C LYS A 39 -35.09 -0.26 -12.80
N GLN A 40 -35.25 0.29 -14.00
CA GLN A 40 -35.28 -0.51 -15.20
C GLN A 40 -33.99 -1.31 -15.33
N GLU A 41 -32.86 -0.63 -15.14
CA GLU A 41 -31.54 -1.23 -15.13
C GLU A 41 -31.32 -2.35 -14.10
N LEU A 42 -31.56 -2.07 -12.83
CA LEU A 42 -31.48 -3.04 -11.76
C LEU A 42 -32.41 -4.23 -11.97
N ASP A 43 -33.47 -4.04 -12.73
CA ASP A 43 -34.42 -5.10 -13.05
C ASP A 43 -33.89 -6.19 -13.99
N GLN A 44 -32.84 -5.88 -14.75
CA GLN A 44 -32.26 -6.83 -15.69
C GLN A 44 -30.92 -7.37 -15.14
N MET A 45 -30.97 -7.87 -13.91
CA MET A 45 -29.74 -7.93 -13.14
C MET A 45 -29.91 -8.62 -11.79
N GLU A 46 -29.72 -9.94 -11.74
CA GLU A 46 -29.32 -10.50 -10.44
C GLU A 46 -27.80 -10.56 -10.39
N GLU A 47 -27.27 -9.39 -10.03
CA GLU A 47 -25.87 -9.12 -9.83
C GLU A 47 -25.98 -8.46 -8.46
N ASP A 48 -25.15 -7.44 -8.17
CA ASP A 48 -25.01 -6.90 -6.80
C ASP A 48 -26.35 -6.85 -6.06
N GLN A 49 -26.36 -6.97 -4.74
CA GLN A 49 -27.61 -6.82 -4.01
C GLN A 49 -27.31 -5.69 -3.04
N ASP A 50 -26.04 -5.33 -3.07
CA ASP A 50 -25.47 -4.02 -2.75
C ASP A 50 -26.39 -2.89 -3.28
N LEU A 51 -26.45 -2.85 -4.60
CA LEU A 51 -27.19 -1.89 -5.36
C LEU A 51 -28.65 -1.97 -5.03
N HIS A 52 -29.16 -3.20 -4.94
CA HIS A 52 -30.56 -3.44 -4.56
C HIS A 52 -30.97 -2.92 -3.18
N LEU A 53 -30.13 -3.14 -2.18
CA LEU A 53 -30.34 -2.61 -0.85
C LEU A 53 -30.30 -1.11 -0.88
N TYR A 54 -29.34 -0.54 -1.58
CA TYR A 54 -29.24 0.89 -1.73
C TYR A 54 -30.45 1.56 -2.44
N TYR A 55 -30.90 0.94 -3.52
CA TYR A 55 -32.01 1.39 -4.29
C TYR A 55 -33.24 1.46 -3.43
N SER A 56 -33.50 0.44 -2.63
CA SER A 56 -34.68 0.39 -1.76
C SER A 56 -34.70 1.54 -0.81
N LEU A 57 -33.55 1.77 -0.19
CA LEU A 57 -33.43 2.85 0.76
C LEU A 57 -33.70 4.19 0.11
N MET A 58 -33.13 4.45 -1.11
CA MET A 58 -33.32 5.73 -1.83
C MET A 58 -34.73 5.86 -2.32
N GLU A 59 -35.34 4.74 -2.65
CA GLU A 59 -36.78 4.69 -2.99
C GLU A 59 -37.62 5.24 -1.82
N PHE A 60 -37.39 4.68 -0.67
CA PHE A 60 -38.00 5.15 0.57
C PHE A 60 -37.65 6.63 0.89
N ARG A 61 -36.39 7.02 0.76
CA ARG A 61 -36.00 8.42 0.87
C ARG A 61 -36.64 9.42 -0.20
N HIS A 62 -36.92 8.91 -1.37
CA HIS A 62 -37.58 9.65 -2.39
C HIS A 62 -39.03 9.88 -1.99
N ASN A 63 -39.69 8.80 -1.52
CA ASN A 63 -41.04 8.90 -1.00
C ASN A 63 -41.16 9.82 0.16
N LEU A 64 -40.18 9.86 1.04
CA LEU A 64 -40.23 10.84 2.17
C LEU A 64 -40.07 12.23 1.69
N MET A 65 -39.29 12.43 0.62
CA MET A 65 -39.17 13.76 -0.02
C MET A 65 -40.56 14.24 -0.42
N LEU A 66 -41.31 13.35 -1.07
CA LEU A 66 -42.62 13.71 -1.60
C LEU A 66 -43.64 13.97 -0.47
N GLU A 67 -43.57 13.20 0.63
CA GLU A 67 -44.42 13.36 1.81
C GLU A 67 -44.22 14.68 2.45
N TYR A 68 -42.97 15.05 2.68
CA TYR A 68 -42.62 16.35 3.20
C TYR A 68 -43.00 17.52 2.29
N LEU A 69 -43.19 17.27 1.01
CA LEU A 69 -43.61 18.33 0.10
C LEU A 69 -45.13 18.45 -0.04
N GLU A 70 -45.89 17.41 0.34
CA GLU A 70 -47.36 17.40 0.20
C GLU A 70 -48.05 18.57 0.92
N PRO A 71 -47.66 18.84 2.18
CA PRO A 71 -48.21 20.03 2.87
C PRO A 71 -48.09 21.33 2.08
N LEU A 72 -46.95 21.57 1.42
CA LEU A 72 -46.66 22.83 0.74
C LEU A 72 -47.70 23.19 -0.27
N GLU A 73 -48.50 22.21 -0.62
CA GLU A 73 -49.53 22.44 -1.63
C GLU A 73 -50.76 23.21 -1.11
N LYS A 74 -50.98 23.10 0.21
CA LYS A 74 -52.01 23.81 0.95
C LYS A 74 -51.49 25.17 1.54
N MET A 75 -50.43 25.71 0.93
CA MET A 75 -49.71 26.88 1.45
C MET A 75 -49.40 27.89 0.37
N ARG A 76 -49.51 29.16 0.73
CA ARG A 76 -48.93 30.26 -0.04
C ARG A 76 -47.42 30.12 -0.03
N ILE A 77 -46.78 30.44 -1.16
CA ILE A 77 -45.32 30.38 -1.24
C ILE A 77 -44.62 31.04 -0.04
N GLU A 78 -45.20 32.14 0.45
CA GLU A 78 -44.57 32.87 1.56
C GLU A 78 -44.67 32.12 2.87
N GLU A 79 -45.70 31.29 3.03
CA GLU A 79 -45.88 30.51 4.23
C GLU A 79 -44.96 29.30 4.24
N GLN A 80 -44.70 28.74 3.06
CA GLN A 80 -43.93 27.52 2.92
C GLN A 80 -42.55 27.68 3.50
N PRO A 81 -42.05 26.65 4.21
CA PRO A 81 -40.66 26.64 4.67
C PRO A 81 -39.66 26.63 3.52
N ARG A 82 -38.48 27.18 3.76
CA ARG A 82 -37.37 27.10 2.81
C ARG A 82 -37.07 25.61 2.66
N LEU A 83 -36.65 25.21 1.45
CA LEU A 83 -36.31 23.80 1.19
C LEU A 83 -35.10 23.31 1.98
N SER A 84 -34.11 24.17 2.18
CA SER A 84 -32.96 23.85 3.02
C SER A 84 -33.42 23.46 4.44
N ASP A 85 -34.45 24.13 4.96
CA ASP A 85 -35.05 23.84 6.30
C ASP A 85 -35.92 22.62 6.29
N LEU A 86 -36.60 22.37 5.18
CA LEU A 86 -37.29 21.07 4.97
C LEU A 86 -36.31 19.87 5.02
N LEU A 87 -35.18 20.04 4.34
CA LEU A 87 -34.16 19.02 4.32
C LEU A 87 -33.56 18.75 5.73
N LEU A 88 -33.19 19.81 6.44
CA LEU A 88 -32.67 19.68 7.83
C LEU A 88 -33.61 18.87 8.72
N GLU A 89 -34.91 19.04 8.50
CA GLU A 89 -35.95 18.31 9.21
C GLU A 89 -36.02 16.86 8.84
N ILE A 90 -35.96 16.57 7.55
CA ILE A 90 -35.93 15.16 7.12
C ILE A 90 -34.78 14.42 7.82
N ASP A 91 -33.61 15.04 7.82
CA ASP A 91 -32.38 14.42 8.30
C ASP A 91 -32.41 14.24 9.81
N LYS A 92 -32.98 15.22 10.51
CA LYS A 92 -33.16 15.17 11.95
C LYS A 92 -34.03 13.97 12.39
N LYS A 93 -35.19 13.82 11.74
CA LYS A 93 -36.15 12.80 12.03
C LYS A 93 -35.87 11.42 11.47
N GLN A 94 -34.78 11.33 10.71
CA GLN A 94 -34.35 10.08 10.08
C GLN A 94 -32.85 10.00 10.13
N ALA A 95 -32.31 10.16 11.34
CA ALA A 95 -30.86 10.13 11.59
C ALA A 95 -30.22 8.80 11.14
N ARG A 96 -31.01 7.77 11.25
CA ARG A 96 -30.60 6.42 11.03
C ARG A 96 -30.59 6.06 9.55
N LEU A 97 -31.69 6.38 8.87
CA LEU A 97 -31.76 6.20 7.44
C LEU A 97 -30.68 7.06 6.79
N THR A 98 -30.59 8.32 7.20
CA THR A 98 -29.57 9.25 6.69
C THR A 98 -28.14 8.68 6.77
N GLY A 99 -27.81 8.03 7.86
CA GLY A 99 -26.45 7.56 8.07
C GLY A 99 -26.20 6.31 7.27
N LEU A 100 -27.19 5.45 7.13
CA LEU A 100 -27.10 4.31 6.23
C LEU A 100 -26.99 4.69 4.72
N LEU A 101 -27.63 5.78 4.32
CA LEU A 101 -27.51 6.29 2.95
C LEU A 101 -26.17 6.93 2.77
N GLU A 102 -25.70 7.67 3.78
CA GLU A 102 -24.35 8.22 3.79
C GLU A 102 -23.22 7.15 3.69
N TYR A 103 -23.48 5.96 4.23
CA TYR A 103 -22.62 4.83 4.11
C TYR A 103 -22.48 4.35 2.67
N TYR A 104 -23.60 4.07 2.04
CA TYR A 104 -23.67 3.59 0.67
C TYR A 104 -23.24 4.66 -0.33
N PHE A 105 -23.60 5.91 -0.05
CA PHE A 105 -23.23 6.99 -0.93
C PHE A 105 -21.68 7.07 -1.10
N ASN A 106 -20.99 7.10 0.03
CA ASN A 106 -19.54 7.16 0.04
C ASN A 106 -18.91 5.91 -0.51
N PHE A 107 -19.51 4.78 -0.15
CA PHE A 107 -19.06 3.50 -0.66
C PHE A 107 -19.08 3.49 -2.21
N PHE A 108 -20.23 3.71 -2.80
CA PHE A 108 -20.37 3.73 -4.27
C PHE A 108 -19.72 4.88 -4.93
N ARG A 109 -19.61 6.01 -4.26
CA ARG A 109 -18.82 7.10 -4.80
C ARG A 109 -17.34 6.79 -4.83
N GLY A 110 -16.82 6.08 -3.82
CA GLY A 110 -15.46 5.59 -3.82
C GLY A 110 -15.25 4.59 -4.96
N MET A 111 -16.19 3.70 -5.21
CA MET A 111 -16.04 2.68 -6.24
C MET A 111 -15.91 3.34 -7.59
N TYR A 112 -16.63 4.44 -7.75
CA TYR A 112 -16.67 5.18 -8.99
C TYR A 112 -15.37 5.92 -9.16
N GLU A 113 -14.90 6.59 -8.13
CA GLU A 113 -13.61 7.23 -8.14
C GLU A 113 -12.49 6.27 -8.48
N LEU A 114 -12.59 5.05 -7.99
CA LEU A 114 -11.65 3.99 -8.26
C LEU A 114 -11.64 3.63 -9.73
N ASP A 115 -12.81 3.45 -10.35
CA ASP A 115 -12.90 3.19 -11.76
C ASP A 115 -12.34 4.34 -12.57
N GLN A 116 -12.35 5.53 -12.02
CA GLN A 116 -11.82 6.69 -12.70
C GLN A 116 -10.32 6.82 -12.44
N ARG A 117 -9.78 5.87 -11.67
CA ARG A 117 -8.37 5.86 -11.30
C ARG A 117 -7.98 7.10 -10.53
N GLU A 118 -8.93 7.58 -9.73
CA GLU A 118 -8.76 8.64 -8.72
C GLU A 118 -8.62 7.94 -7.34
N TYR A 119 -7.43 7.41 -7.05
CA TYR A 119 -7.12 6.57 -5.88
C TYR A 119 -7.22 7.23 -4.51
N LEU A 120 -6.64 8.40 -4.38
CA LEU A 120 -6.65 9.11 -3.12
C LEU A 120 -8.08 9.51 -2.81
N SER A 121 -8.78 9.93 -3.84
CA SER A 121 -10.18 10.31 -3.72
C SER A 121 -11.03 9.10 -3.26
N ALA A 122 -10.82 7.94 -3.91
CA ALA A 122 -11.43 6.65 -3.60
C ALA A 122 -11.25 6.24 -2.13
N ILE A 123 -10.00 6.35 -1.62
CA ILE A 123 -9.68 6.09 -0.19
C ILE A 123 -10.40 7.07 0.70
N LYS A 124 -10.43 8.33 0.33
CA LYS A 124 -11.21 9.32 1.07
C LYS A 124 -12.69 8.92 1.22
N PHE A 125 -13.36 8.58 0.14
CA PHE A 125 -14.73 8.09 0.24
C PHE A 125 -14.87 6.76 0.96
N PHE A 126 -13.90 5.86 0.77
CA PHE A 126 -13.89 4.57 1.50
C PHE A 126 -13.77 4.79 3.02
N LYS A 127 -12.91 5.71 3.48
CA LYS A 127 -12.85 5.97 4.90
C LYS A 127 -14.14 6.58 5.41
N LYS A 128 -14.69 7.57 4.70
CA LYS A 128 -15.98 8.12 5.13
C LYS A 128 -17.05 7.03 5.17
N ALA A 129 -17.07 6.09 4.23
CA ALA A 129 -18.01 4.96 4.31
C ALA A 129 -17.78 4.09 5.55
N GLU A 130 -16.50 3.87 5.90
CA GLU A 130 -16.16 3.05 7.06
C GLU A 130 -16.67 3.67 8.34
N SER A 131 -16.60 5.00 8.44
CA SER A 131 -17.22 5.75 9.57
C SER A 131 -18.69 5.57 9.81
N LYS A 132 -19.41 4.96 8.87
CA LYS A 132 -20.86 4.94 8.86
C LYS A 132 -21.29 3.50 8.93
N LEU A 133 -20.34 2.65 9.21
CA LEU A 133 -20.60 1.23 9.46
C LEU A 133 -21.36 1.00 10.75
N ILE A 134 -21.25 1.91 11.71
CA ILE A 134 -22.20 1.97 12.83
C ILE A 134 -23.69 1.93 12.39
N PHE A 135 -24.01 2.59 11.27
CA PHE A 135 -25.36 2.57 10.67
C PHE A 135 -25.71 1.26 9.98
N VAL A 136 -24.72 0.40 9.81
CA VAL A 136 -24.91 -0.91 9.19
C VAL A 136 -24.96 -1.92 10.34
N LYS A 137 -26.19 -2.34 10.66
CA LYS A 137 -26.44 -3.15 11.84
C LYS A 137 -26.12 -4.61 11.59
N ASP A 138 -26.43 -5.07 10.39
CA ASP A 138 -26.16 -6.44 10.04
C ASP A 138 -24.64 -6.77 9.91
N ARG A 139 -24.20 -7.87 10.51
CA ARG A 139 -22.80 -8.22 10.53
C ARG A 139 -22.28 -8.68 9.21
N ILE A 140 -23.11 -9.32 8.41
CA ILE A 140 -22.67 -9.81 7.13
C ILE A 140 -22.49 -8.64 6.16
N GLU A 141 -23.20 -7.54 6.43
CA GLU A 141 -23.16 -6.40 5.55
C GLU A 141 -21.92 -5.61 5.85
N LYS A 142 -21.48 -5.68 7.11
CA LYS A 142 -20.18 -5.18 7.51
C LYS A 142 -19.08 -6.00 6.81
N ALA A 143 -19.21 -7.34 6.81
CA ALA A 143 -18.19 -8.20 6.23
C ALA A 143 -18.01 -7.97 4.73
N GLU A 144 -19.11 -7.74 4.03
CA GLU A 144 -19.16 -7.39 2.61
C GLU A 144 -18.38 -6.13 2.37
N PHE A 145 -18.49 -5.13 3.26
CA PHE A 145 -17.71 -3.93 3.12
C PHE A 145 -16.24 -4.35 3.12
N PHE A 146 -15.82 -5.05 4.16
CA PHE A 146 -14.42 -5.44 4.39
C PHE A 146 -13.94 -6.24 3.22
N PHE A 147 -14.79 -7.11 2.73
CA PHE A 147 -14.45 -7.95 1.59
C PHE A 147 -14.13 -7.08 0.33
N LYS A 148 -14.99 -6.15 0.00
CA LYS A 148 -14.82 -5.29 -1.15
C LYS A 148 -13.72 -4.27 -0.98
N MET A 149 -13.45 -3.86 0.26
CA MET A 149 -12.22 -3.10 0.57
C MET A 149 -10.96 -3.90 0.27
N SER A 150 -10.97 -5.20 0.56
CA SER A 150 -9.84 -6.08 0.24
C SER A 150 -9.60 -6.19 -1.25
N GLU A 151 -10.65 -6.44 -2.04
CA GLU A 151 -10.59 -6.39 -3.51
C GLU A 151 -10.05 -5.07 -4.05
N SER A 152 -10.63 -3.96 -3.59
CA SER A 152 -10.20 -2.59 -3.95
C SER A 152 -8.76 -2.34 -3.71
N TYR A 153 -8.27 -2.71 -2.52
CA TYR A 153 -6.85 -2.48 -2.14
C TYR A 153 -5.90 -3.48 -2.78
N TYR A 154 -6.45 -4.61 -3.21
CA TYR A 154 -5.77 -5.52 -4.11
C TYR A 154 -5.54 -4.87 -5.50
N TYR A 155 -6.61 -4.33 -6.09
N TYR A 155 -6.62 -4.33 -6.10
CA TYR A 155 -6.44 -3.61 -7.34
CA TYR A 155 -6.50 -3.57 -7.35
C TYR A 155 -5.45 -2.43 -7.21
C TYR A 155 -5.54 -2.37 -7.25
N MET A 156 -5.44 -1.75 -6.07
CA MET A 156 -4.53 -0.59 -5.88
C MET A 156 -3.11 -0.99 -5.40
N LYS A 157 -2.92 -2.30 -5.18
CA LYS A 157 -1.66 -2.90 -4.68
C LYS A 157 -1.23 -2.34 -3.32
N GLN A 158 -2.21 -2.02 -2.47
CA GLN A 158 -1.92 -1.61 -1.12
C GLN A 158 -2.06 -2.96 -0.42
N THR A 159 -1.12 -3.88 -0.72
CA THR A 159 -1.10 -5.31 -0.25
C THR A 159 -1.41 -5.53 1.23
N TYR A 160 -0.75 -4.81 2.13
CA TYR A 160 -0.96 -4.99 3.52
C TYR A 160 -2.38 -4.66 3.94
N PHE A 161 -2.93 -3.53 3.48
CA PHE A 161 -4.34 -3.20 3.77
C PHE A 161 -5.27 -4.18 3.11
N SER A 162 -4.97 -4.64 1.90
CA SER A 162 -5.86 -5.64 1.27
C SER A 162 -5.96 -6.90 2.12
N MET A 163 -4.83 -7.39 2.67
CA MET A 163 -4.84 -8.53 3.59
C MET A 163 -5.45 -8.28 4.96
N ASP A 164 -5.11 -7.18 5.61
CA ASP A 164 -5.84 -6.79 6.78
C ASP A 164 -7.37 -6.74 6.60
N TYR A 165 -7.89 -6.12 5.52
CA TYR A 165 -9.35 -6.22 5.30
C TYR A 165 -9.87 -7.60 5.04
N ALA A 166 -9.09 -8.46 4.41
CA ALA A 166 -9.56 -9.84 4.10
C ALA A 166 -9.63 -10.63 5.39
N ARG A 167 -8.79 -10.27 6.35
CA ARG A 167 -8.76 -10.94 7.63
C ARG A 167 -9.94 -10.46 8.50
N GLN A 168 -10.29 -9.18 8.40
CA GLN A 168 -11.52 -8.68 9.02
C GLN A 168 -12.78 -9.29 8.46
N ALA A 169 -12.86 -9.48 7.14
CA ALA A 169 -14.05 -10.09 6.53
C ALA A 169 -14.14 -11.57 6.89
N TYR A 170 -12.99 -12.27 6.87
CA TYR A 170 -12.83 -13.67 7.24
C TYR A 170 -13.37 -13.98 8.65
N GLU A 171 -12.88 -13.27 9.65
CA GLU A 171 -13.35 -13.35 11.03
C GLU A 171 -14.89 -13.44 11.14
N ILE A 172 -15.60 -12.56 10.42
CA ILE A 172 -17.05 -12.56 10.39
C ILE A 172 -17.62 -13.73 9.59
N TYR A 173 -17.29 -13.88 8.32
CA TYR A 173 -17.80 -15.02 7.54
C TYR A 173 -17.64 -16.37 8.23
N LYS A 174 -16.55 -16.51 8.96
CA LYS A 174 -16.11 -17.80 9.53
C LYS A 174 -17.04 -18.22 10.66
N GLU A 175 -17.62 -17.23 11.34
CA GLU A 175 -18.44 -17.47 12.52
C GLU A 175 -19.91 -17.69 12.18
N HIS A 176 -20.27 -17.54 10.91
CA HIS A 176 -21.58 -17.92 10.36
C HIS A 176 -21.47 -19.28 9.63
N GLU A 177 -22.58 -19.82 9.12
CA GLU A 177 -22.44 -20.82 8.02
C GLU A 177 -23.10 -20.67 6.62
N ALA A 178 -22.62 -21.57 5.78
CA ALA A 178 -22.31 -21.19 4.44
C ALA A 178 -22.36 -19.76 3.95
N TYR A 179 -21.51 -19.00 4.65
CA TYR A 179 -20.69 -17.97 4.06
C TYR A 179 -19.34 -18.58 3.55
N ASN A 180 -19.38 -19.88 3.27
CA ASN A 180 -18.23 -20.63 2.86
C ASN A 180 -17.67 -20.28 1.50
N ILE A 181 -18.50 -19.76 0.61
CA ILE A 181 -18.01 -19.25 -0.65
C ILE A 181 -17.26 -17.92 -0.44
N ARG A 182 -17.78 -17.05 0.43
CA ARG A 182 -17.08 -15.80 0.76
C ARG A 182 -15.77 -16.11 1.49
N LEU A 183 -15.82 -17.10 2.39
CA LEU A 183 -14.64 -17.57 3.07
C LEU A 183 -13.53 -18.06 2.15
N LEU A 184 -13.88 -18.86 1.14
CA LEU A 184 -12.88 -19.33 0.17
C LEU A 184 -12.35 -18.20 -0.67
N GLN A 185 -13.22 -17.20 -0.94
CA GLN A 185 -12.83 -15.99 -1.60
C GLN A 185 -11.83 -15.18 -0.76
N CYS A 186 -12.01 -15.15 0.56
CA CYS A 186 -11.01 -14.56 1.44
C CYS A 186 -9.66 -15.25 1.30
N HIS A 187 -9.67 -16.58 1.22
CA HIS A 187 -8.50 -17.36 0.85
C HIS A 187 -7.85 -16.96 -0.44
N SER A 188 -8.56 -16.67 -1.51
CA SER A 188 -7.90 -16.20 -2.78
C SER A 188 -7.37 -14.80 -2.72
N LEU A 189 -8.00 -13.97 -1.91
CA LEU A 189 -7.50 -12.63 -1.58
C LEU A 189 -6.18 -12.70 -0.80
N PHE A 190 -6.07 -13.58 0.21
CA PHE A 190 -4.80 -13.81 0.90
C PHE A 190 -3.77 -14.28 -0.12
N ALA A 191 -4.16 -15.28 -0.92
CA ALA A 191 -3.28 -15.89 -1.92
C ALA A 191 -2.80 -14.90 -2.96
N THR A 192 -3.70 -14.13 -3.58
CA THR A 192 -3.29 -13.17 -4.58
C THR A 192 -2.36 -12.10 -4.02
N ASN A 193 -2.58 -11.65 -2.79
CA ASN A 193 -1.68 -10.69 -2.14
C ASN A 193 -0.34 -11.36 -1.78
N PHE A 194 -0.36 -12.61 -1.27
CA PHE A 194 0.91 -13.33 -1.03
C PHE A 194 1.78 -13.36 -2.30
N LEU A 195 1.15 -13.63 -3.44
CA LEU A 195 1.82 -13.70 -4.73
C LEU A 195 2.52 -12.40 -5.09
N ASP A 196 1.82 -11.28 -4.91
CA ASP A 196 2.43 -9.95 -5.13
C ASP A 196 3.63 -9.65 -4.27
N LEU A 197 3.73 -10.33 -3.14
CA LEU A 197 4.86 -10.17 -2.22
C LEU A 197 5.95 -11.17 -2.49
N LYS A 198 5.70 -12.09 -3.43
CA LYS A 198 6.64 -13.15 -3.87
C LYS A 198 6.57 -14.36 -2.94
N GLN A 199 5.58 -14.37 -2.05
CA GLN A 199 5.40 -15.46 -1.17
C GLN A 199 4.57 -16.49 -1.92
N TYR A 200 5.20 -17.15 -2.89
CA TYR A 200 4.52 -18.17 -3.73
C TYR A 200 3.96 -19.37 -3.05
N GLU A 201 4.70 -19.90 -2.09
CA GLU A 201 4.23 -21.09 -1.36
C GLU A 201 3.01 -20.82 -0.47
N ASP A 202 3.07 -19.77 0.32
CA ASP A 202 1.86 -19.29 1.05
C ASP A 202 0.67 -18.99 0.11
N ALA A 203 0.91 -18.36 -1.05
CA ALA A 203 -0.17 -18.18 -2.04
C ALA A 203 -0.75 -19.50 -2.48
N ILE A 204 0.15 -20.47 -2.74
CA ILE A 204 -0.28 -21.82 -3.21
C ILE A 204 -1.11 -22.55 -2.18
N SER A 205 -0.65 -22.58 -0.91
CA SER A 205 -1.47 -23.06 0.21
C SER A 205 -2.87 -22.42 0.29
N HIS A 206 -3.00 -21.12 0.08
CA HIS A 206 -4.34 -20.47 0.14
C HIS A 206 -5.17 -20.75 -1.11
N PHE A 207 -4.50 -20.81 -2.27
CA PHE A 207 -5.17 -21.24 -3.48
C PHE A 207 -5.66 -22.69 -3.37
N GLN A 208 -4.85 -23.59 -2.76
CA GLN A 208 -5.25 -24.98 -2.59
C GLN A 208 -6.40 -25.09 -1.62
N LYS A 209 -6.33 -24.39 -0.52
CA LYS A 209 -7.42 -24.35 0.44
C LYS A 209 -8.72 -23.86 -0.25
N ALA A 210 -8.60 -22.82 -1.06
CA ALA A 210 -9.75 -22.20 -1.71
C ALA A 210 -10.37 -23.18 -2.76
N TYR A 211 -9.48 -23.89 -3.48
CA TYR A 211 -9.85 -24.93 -4.42
C TYR A 211 -10.70 -26.02 -3.78
N SER A 212 -10.16 -26.65 -2.74
CA SER A 212 -10.87 -27.66 -1.94
C SER A 212 -12.26 -27.19 -1.60
N MET A 213 -12.35 -25.99 -1.03
CA MET A 213 -13.65 -25.35 -0.67
C MET A 213 -14.54 -25.12 -1.90
N ALA A 214 -13.97 -24.77 -3.04
CA ALA A 214 -14.79 -24.56 -4.23
C ALA A 214 -15.34 -25.89 -4.76
N GLU A 215 -14.57 -26.95 -4.63
CA GLU A 215 -14.99 -28.29 -5.04
C GLU A 215 -16.18 -28.78 -4.20
N ALA A 216 -16.02 -28.69 -2.88
CA ALA A 216 -17.10 -28.99 -1.91
C ALA A 216 -18.38 -28.15 -2.18
N GLU A 217 -18.22 -26.89 -2.58
CA GLU A 217 -19.37 -26.06 -2.92
C GLU A 217 -19.86 -26.26 -4.36
N LYS A 218 -19.14 -27.03 -5.16
CA LYS A 218 -19.43 -27.16 -6.59
C LYS A 218 -19.56 -25.79 -7.26
N GLN A 219 -18.47 -25.03 -7.19
CA GLN A 219 -18.39 -23.70 -7.79
C GLN A 219 -17.32 -23.76 -8.86
N PRO A 220 -17.71 -24.17 -10.06
CA PRO A 220 -16.70 -24.46 -11.10
C PRO A 220 -15.91 -23.25 -11.66
N GLN A 221 -16.54 -22.08 -11.80
N GLN A 221 -16.53 -22.07 -11.77
CA GLN A 221 -15.82 -20.84 -12.07
CA GLN A 221 -15.82 -20.82 -12.08
C GLN A 221 -14.67 -20.62 -11.08
C GLN A 221 -14.68 -20.57 -11.08
N LEU A 222 -14.96 -20.83 -9.80
CA LEU A 222 -13.97 -20.73 -8.72
C LEU A 222 -12.96 -21.87 -8.68
N MET A 223 -13.39 -23.11 -8.92
CA MET A 223 -12.48 -24.26 -9.06
C MET A 223 -11.42 -24.00 -10.12
N GLY A 224 -11.84 -23.47 -11.25
CA GLY A 224 -10.96 -23.19 -12.38
C GLY A 224 -10.02 -22.02 -12.19
N ARG A 225 -10.52 -20.99 -11.53
CA ARG A 225 -9.72 -19.83 -11.24
C ARG A 225 -8.54 -20.13 -10.31
N THR A 226 -8.78 -20.95 -9.29
CA THR A 226 -7.80 -21.33 -8.30
C THR A 226 -6.76 -22.30 -8.88
N LEU A 227 -7.24 -23.28 -9.65
CA LEU A 227 -6.36 -24.14 -10.44
C LEU A 227 -5.43 -23.31 -11.27
N TYR A 228 -5.98 -22.40 -12.06
CA TYR A 228 -5.19 -21.50 -12.90
C TYR A 228 -4.18 -20.72 -12.06
N ASN A 229 -4.62 -20.20 -10.92
CA ASN A 229 -3.77 -19.34 -10.12
C ASN A 229 -2.61 -20.10 -9.49
N ILE A 230 -2.85 -21.37 -9.15
CA ILE A 230 -1.76 -22.22 -8.67
C ILE A 230 -0.73 -22.50 -9.77
N GLY A 231 -1.15 -22.75 -11.00
CA GLY A 231 -0.21 -22.91 -12.12
C GLY A 231 0.58 -21.64 -12.36
N LEU A 232 -0.07 -20.48 -12.18
CA LEU A 232 0.60 -19.19 -12.32
C LEU A 232 1.70 -19.07 -11.32
N CYS A 233 1.47 -19.50 -10.10
CA CYS A 233 2.47 -19.42 -9.03
C CYS A 233 3.67 -20.25 -9.42
N LYS A 234 3.40 -21.47 -9.88
CA LYS A 234 4.45 -22.39 -10.37
C LYS A 234 5.19 -21.78 -11.54
N ASN A 235 4.47 -21.29 -12.54
CA ASN A 235 5.10 -20.63 -13.71
C ASN A 235 6.05 -19.48 -13.32
N SER A 236 5.60 -18.60 -12.44
CA SER A 236 6.43 -17.49 -11.94
C SER A 236 7.70 -17.92 -11.26
N GLN A 237 7.71 -19.11 -10.74
CA GLN A 237 8.87 -19.68 -10.10
C GLN A 237 9.69 -20.56 -11.10
N SER A 238 9.36 -20.46 -12.41
CA SER A 238 9.93 -21.29 -13.51
C SER A 238 9.83 -22.78 -13.22
N GLN A 239 8.80 -23.19 -12.48
CA GLN A 239 8.59 -24.60 -12.19
C GLN A 239 7.64 -25.09 -13.23
N TYR A 240 8.07 -25.04 -14.50
CA TYR A 240 7.17 -25.33 -15.69
C TYR A 240 6.42 -26.67 -15.72
N GLU A 241 7.08 -27.69 -15.24
CA GLU A 241 6.57 -29.05 -15.31
C GLU A 241 5.44 -29.24 -14.29
N ASP A 242 5.57 -28.60 -13.14
CA ASP A 242 4.49 -28.60 -12.15
C ASP A 242 3.35 -27.69 -12.51
N ALA A 243 3.63 -26.60 -13.25
CA ALA A 243 2.57 -25.65 -13.70
C ALA A 243 1.54 -26.25 -14.63
N ILE A 244 2.01 -27.06 -15.60
CA ILE A 244 1.16 -27.60 -16.70
C ILE A 244 -0.11 -28.33 -16.25
N PRO A 245 0.01 -29.30 -15.31
CA PRO A 245 -1.19 -30.02 -14.83
C PRO A 245 -2.30 -29.12 -14.31
N TYR A 246 -1.99 -28.10 -13.53
CA TYR A 246 -3.01 -27.14 -13.05
C TYR A 246 -3.63 -26.36 -14.16
N PHE A 247 -2.78 -25.86 -15.05
CA PHE A 247 -3.30 -25.21 -16.26
C PHE A 247 -4.21 -26.18 -17.06
N LYS A 248 -3.86 -27.47 -17.22
CA LYS A 248 -4.75 -28.40 -17.96
C LYS A 248 -6.08 -28.65 -17.21
N ARG A 249 -6.01 -28.94 -15.91
CA ARG A 249 -7.22 -29.11 -15.08
C ARG A 249 -8.11 -27.89 -15.06
N ALA A 250 -7.50 -26.69 -15.07
CA ALA A 250 -8.27 -25.44 -15.13
C ALA A 250 -9.00 -25.29 -16.45
N ILE A 251 -8.28 -25.53 -17.54
CA ILE A 251 -8.90 -25.55 -18.87
C ILE A 251 -10.11 -26.52 -18.96
N ALA A 252 -9.96 -27.73 -18.41
CA ALA A 252 -11.03 -28.71 -18.46
C ALA A 252 -12.28 -28.23 -17.71
N VAL A 253 -12.11 -27.68 -16.51
CA VAL A 253 -13.23 -27.13 -15.72
C VAL A 253 -14.01 -26.03 -16.48
N PHE A 254 -13.28 -25.03 -16.94
CA PHE A 254 -13.86 -23.94 -17.69
C PHE A 254 -14.67 -24.43 -18.89
N GLU A 255 -14.11 -25.40 -19.62
CA GLU A 255 -14.71 -25.93 -20.82
C GLU A 255 -15.93 -26.79 -20.54
N GLU A 256 -15.78 -27.76 -19.64
CA GLU A 256 -16.89 -28.61 -19.21
C GLU A 256 -18.08 -27.80 -18.71
N SER A 257 -17.82 -26.58 -18.23
CA SER A 257 -18.89 -25.78 -17.70
C SER A 257 -19.22 -24.63 -18.64
N ASN A 258 -18.54 -24.61 -19.78
CA ASN A 258 -18.72 -23.56 -20.80
C ASN A 258 -18.55 -22.12 -20.24
N ILE A 259 -17.38 -21.87 -19.63
CA ILE A 259 -17.01 -20.54 -19.11
C ILE A 259 -16.12 -19.86 -20.16
N LEU A 260 -16.73 -19.11 -21.05
CA LEU A 260 -16.03 -18.63 -22.23
C LEU A 260 -15.13 -17.46 -21.91
N PRO A 261 -15.59 -16.53 -21.05
CA PRO A 261 -14.82 -15.37 -20.60
C PRO A 261 -13.43 -15.74 -20.06
N SER A 262 -13.33 -16.85 -19.35
CA SER A 262 -12.10 -17.23 -18.70
C SER A 262 -11.14 -17.96 -19.62
N LEU A 263 -11.64 -18.56 -20.70
CA LEU A 263 -10.82 -19.43 -21.61
C LEU A 263 -9.63 -18.84 -22.39
N PRO A 264 -9.75 -17.63 -22.95
CA PRO A 264 -8.53 -17.02 -23.54
C PRO A 264 -7.33 -16.92 -22.59
N GLN A 265 -7.51 -16.39 -21.37
CA GLN A 265 -6.45 -16.40 -20.34
C GLN A 265 -6.05 -17.82 -19.92
N ALA A 266 -7.04 -18.70 -19.68
CA ALA A 266 -6.76 -20.08 -19.34
C ALA A 266 -5.83 -20.79 -20.35
N TYR A 267 -5.85 -20.34 -21.61
CA TYR A 267 -5.04 -20.95 -22.67
C TYR A 267 -3.70 -20.25 -22.86
N PHE A 268 -3.59 -19.04 -22.36
CA PHE A 268 -2.40 -18.24 -22.63
C PHE A 268 -1.01 -18.70 -22.04
N LEU A 269 -0.90 -18.97 -20.74
CA LEU A 269 0.43 -19.23 -20.20
C LEU A 269 0.87 -20.60 -20.63
N ILE A 270 -0.07 -21.55 -20.67
CA ILE A 270 0.22 -22.89 -21.14
C ILE A 270 0.76 -22.87 -22.57
N THR A 271 0.29 -21.95 -23.40
CA THR A 271 0.81 -21.82 -24.73
C THR A 271 2.23 -21.29 -24.66
N GLN A 272 2.45 -20.21 -23.90
CA GLN A 272 3.80 -19.67 -23.73
C GLN A 272 4.80 -20.66 -23.20
N ILE A 273 4.33 -21.49 -22.27
CA ILE A 273 5.18 -22.49 -21.61
C ILE A 273 5.75 -23.46 -22.64
N HIS A 274 4.92 -23.96 -23.54
CA HIS A 274 5.41 -24.92 -24.57
C HIS A 274 6.39 -24.32 -25.57
N TYR A 275 6.10 -23.13 -26.10
CA TYR A 275 7.12 -22.37 -26.84
C TYR A 275 8.45 -22.30 -26.10
N LYS A 276 8.44 -21.77 -24.86
CA LYS A 276 9.62 -21.78 -23.96
C LYS A 276 10.37 -23.12 -23.87
N LEU A 277 9.62 -24.21 -23.67
CA LEU A 277 10.12 -25.57 -23.55
C LEU A 277 10.56 -26.20 -24.90
N GLY A 278 10.30 -25.51 -26.01
CA GLY A 278 10.66 -26.01 -27.33
C GLY A 278 9.74 -27.13 -27.78
N LYS A 279 8.61 -27.33 -27.11
CA LYS A 279 7.63 -28.28 -27.60
C LYS A 279 6.70 -27.59 -28.57
N ILE A 280 7.15 -27.35 -29.81
CA ILE A 280 6.39 -26.55 -30.78
C ILE A 280 5.10 -27.27 -31.18
N ASP A 281 5.21 -28.58 -31.30
CA ASP A 281 4.09 -29.51 -31.52
C ASP A 281 2.85 -29.05 -30.71
N LYS A 282 2.93 -29.23 -29.40
CA LYS A 282 1.87 -28.98 -28.44
C LYS A 282 1.51 -27.49 -28.25
N ALA A 283 2.50 -26.60 -28.41
CA ALA A 283 2.29 -25.14 -28.37
C ALA A 283 1.28 -24.66 -29.40
N HIS A 284 1.52 -25.01 -30.67
CA HIS A 284 0.64 -24.66 -31.80
C HIS A 284 -0.82 -25.09 -31.57
N GLU A 285 -1.02 -26.26 -30.99
CA GLU A 285 -2.38 -26.72 -30.62
C GLU A 285 -3.05 -25.79 -29.59
N TYR A 286 -2.28 -25.37 -28.57
CA TYR A 286 -2.81 -24.51 -27.49
C TYR A 286 -3.00 -23.10 -28.03
N HIS A 287 -2.05 -22.69 -28.86
CA HIS A 287 -2.07 -21.36 -29.49
C HIS A 287 -3.35 -21.23 -30.33
N SER A 288 -3.69 -22.29 -31.08
CA SER A 288 -4.86 -22.24 -31.96
C SER A 288 -6.15 -22.18 -31.21
N LYS A 289 -6.26 -22.96 -30.13
CA LYS A 289 -7.53 -23.00 -29.38
C LYS A 289 -7.82 -21.68 -28.68
N GLY A 290 -6.80 -21.14 -28.01
CA GLY A 290 -6.92 -19.89 -27.26
C GLY A 290 -7.08 -18.73 -28.21
N MET A 291 -6.39 -18.84 -29.35
CA MET A 291 -6.57 -17.90 -30.45
C MET A 291 -8.02 -17.91 -30.95
N ALA A 292 -8.58 -19.11 -31.09
CA ALA A 292 -9.96 -19.28 -31.53
C ALA A 292 -10.94 -18.73 -30.47
N TYR A 293 -10.67 -18.93 -29.18
CA TYR A 293 -11.57 -18.39 -28.14
C TYR A 293 -11.53 -16.87 -28.11
N SER A 294 -10.36 -16.29 -28.32
CA SER A 294 -10.23 -14.84 -28.23
C SER A 294 -11.04 -14.15 -29.34
N GLN A 295 -11.09 -14.81 -30.51
CA GLN A 295 -11.80 -14.35 -31.69
C GLN A 295 -13.30 -14.33 -31.44
N LYS A 296 -13.81 -15.40 -30.81
CA LYS A 296 -15.22 -15.59 -30.50
C LYS A 296 -15.77 -14.51 -29.56
N ALA A 297 -14.98 -14.20 -28.51
CA ALA A 297 -15.39 -13.19 -27.53
C ALA A 297 -14.88 -11.81 -27.89
N GLY A 298 -14.09 -11.71 -28.95
CA GLY A 298 -13.49 -10.45 -29.38
C GLY A 298 -12.65 -9.81 -28.28
N ASP A 299 -11.99 -10.64 -27.45
CA ASP A 299 -10.96 -10.24 -26.48
C ASP A 299 -9.81 -9.55 -27.25
N VAL A 300 -9.90 -8.25 -27.34
CA VAL A 300 -8.90 -7.39 -27.95
C VAL A 300 -7.53 -7.65 -27.33
N ILE A 301 -7.48 -7.67 -26.00
CA ILE A 301 -6.23 -7.79 -25.29
C ILE A 301 -5.62 -9.15 -25.49
N TYR A 302 -6.40 -10.23 -25.31
CA TYR A 302 -5.86 -11.54 -25.63
C TYR A 302 -5.55 -11.86 -27.13
N LEU A 303 -6.27 -11.28 -28.07
CA LEU A 303 -5.94 -11.46 -29.48
C LEU A 303 -4.56 -10.92 -29.64
N SER A 304 -4.37 -9.71 -29.15
CA SER A 304 -3.11 -9.01 -29.28
C SER A 304 -1.93 -9.79 -28.65
N GLU A 305 -2.20 -10.39 -27.48
CA GLU A 305 -1.23 -11.19 -26.71
C GLU A 305 -0.90 -12.56 -27.30
N PHE A 306 -1.89 -13.28 -27.81
CA PHE A 306 -1.62 -14.47 -28.62
C PHE A 306 -0.81 -14.13 -29.90
N GLU A 307 -1.18 -13.07 -30.64
CA GLU A 307 -0.30 -12.53 -31.70
C GLU A 307 1.16 -12.24 -31.25
N PHE A 308 1.35 -11.78 -30.02
CA PHE A 308 2.70 -11.54 -29.46
C PHE A 308 3.50 -12.83 -29.36
N LEU A 309 2.85 -13.88 -28.87
CA LEU A 309 3.46 -15.19 -28.75
C LEU A 309 4.01 -15.69 -30.13
N LYS A 310 3.29 -15.38 -31.23
CA LYS A 310 3.80 -15.71 -32.56
C LYS A 310 4.95 -14.78 -32.96
N SER A 311 4.84 -13.48 -32.68
CA SER A 311 5.95 -12.56 -32.96
C SER A 311 7.27 -12.96 -32.27
N LEU A 312 7.21 -13.43 -31.02
CA LEU A 312 8.41 -13.86 -30.31
C LEU A 312 8.88 -15.28 -30.63
N TYR A 313 8.00 -16.26 -30.50
CA TYR A 313 8.42 -17.65 -30.54
C TYR A 313 8.41 -18.30 -31.92
N LEU A 314 7.85 -17.62 -32.90
CA LEU A 314 7.61 -18.25 -34.21
C LEU A 314 8.11 -17.48 -35.41
N SER A 315 8.20 -16.16 -35.25
CA SER A 315 8.18 -15.21 -36.36
C SER A 315 9.45 -14.38 -36.46
N GLY A 316 10.56 -14.85 -35.88
CA GLY A 316 11.80 -14.12 -36.12
C GLY A 316 12.80 -14.09 -34.99
N PRO A 317 12.51 -13.36 -33.89
CA PRO A 317 11.33 -12.54 -33.59
C PRO A 317 11.12 -11.31 -34.47
N ASP A 318 9.87 -10.94 -34.64
CA ASP A 318 9.49 -9.72 -35.33
C ASP A 318 9.53 -8.58 -34.31
N GLU A 319 10.70 -7.92 -34.22
CA GLU A 319 10.92 -6.84 -33.26
C GLU A 319 9.97 -5.69 -33.50
N GLU A 320 9.45 -5.60 -34.73
CA GLU A 320 8.63 -4.48 -35.16
C GLU A 320 7.20 -4.67 -34.64
N ALA A 321 6.66 -5.87 -34.81
CA ALA A 321 5.35 -6.27 -34.25
C ALA A 321 5.32 -6.27 -32.70
N ILE A 322 6.45 -6.64 -32.10
CA ILE A 322 6.67 -6.55 -30.65
C ILE A 322 6.61 -5.09 -30.14
N GLN A 323 7.32 -4.19 -30.78
CA GLN A 323 7.25 -2.80 -30.36
C GLN A 323 5.82 -2.22 -30.43
N GLY A 324 5.06 -2.62 -31.45
CA GLY A 324 3.76 -2.05 -31.62
C GLY A 324 2.83 -2.63 -30.60
N PHE A 325 3.02 -3.90 -30.31
CA PHE A 325 2.36 -4.58 -29.18
C PHE A 325 2.62 -3.86 -27.81
N PHE A 326 3.89 -3.49 -27.57
CA PHE A 326 4.29 -2.77 -26.37
C PHE A 326 3.63 -1.42 -26.28
N ASP A 327 3.55 -0.72 -27.42
CA ASP A 327 2.81 0.56 -27.54
C ASP A 327 1.33 0.36 -27.30
N PHE A 328 0.77 -0.68 -27.89
CA PHE A 328 -0.60 -1.06 -27.56
C PHE A 328 -0.84 -1.26 -26.04
N LEU A 329 -0.10 -2.17 -25.40
CA LEU A 329 -0.21 -2.40 -23.94
C LEU A 329 -0.01 -1.12 -23.15
N GLU A 330 1.07 -0.39 -23.47
CA GLU A 330 1.29 0.92 -22.84
C GLU A 330 0.06 1.86 -22.95
N SER A 331 -0.51 2.01 -24.17
CA SER A 331 -1.65 2.90 -24.40
C SER A 331 -2.88 2.42 -23.59
N LYS A 332 -2.94 1.13 -23.33
CA LYS A 332 -4.04 0.56 -22.55
C LYS A 332 -3.74 0.53 -21.05
N MET A 333 -2.58 1.07 -20.65
CA MET A 333 -2.13 1.04 -19.26
C MET A 333 -1.99 -0.35 -18.70
N LEU A 334 -1.67 -1.34 -19.54
CA LEU A 334 -1.45 -2.73 -19.09
C LEU A 334 0.03 -2.94 -18.78
N TYR A 335 0.47 -2.22 -17.75
CA TYR A 335 1.84 -1.99 -17.40
C TYR A 335 2.50 -3.23 -16.83
N ALA A 336 1.76 -4.03 -16.06
CA ALA A 336 2.26 -5.28 -15.51
C ALA A 336 2.50 -6.27 -16.64
N ASP A 337 1.50 -6.49 -17.50
CA ASP A 337 1.66 -7.38 -18.67
C ASP A 337 2.84 -6.94 -19.50
N LEU A 338 2.89 -5.67 -19.87
CA LEU A 338 4.04 -5.12 -20.58
C LEU A 338 5.43 -5.40 -19.98
N GLU A 339 5.59 -5.20 -18.66
CA GLU A 339 6.91 -5.43 -18.06
C GLU A 339 7.27 -6.91 -18.13
N ASP A 340 6.29 -7.78 -17.91
CA ASP A 340 6.53 -9.19 -17.89
C ASP A 340 6.95 -9.55 -19.28
N PHE A 341 6.18 -9.16 -20.29
CA PHE A 341 6.50 -9.49 -21.67
C PHE A 341 7.86 -8.98 -22.16
N ALA A 342 8.20 -7.73 -21.79
CA ALA A 342 9.53 -7.16 -22.13
C ALA A 342 10.66 -7.98 -21.51
N ILE A 343 10.38 -8.61 -20.35
CA ILE A 343 11.33 -9.55 -19.71
C ILE A 343 11.40 -10.84 -20.50
N ASP A 344 10.25 -11.31 -20.95
CA ASP A 344 10.17 -12.55 -21.71
C ASP A 344 11.05 -12.48 -22.96
N VAL A 345 11.01 -11.34 -23.65
CA VAL A 345 11.77 -11.04 -24.85
C VAL A 345 13.25 -10.90 -24.49
N ALA A 346 13.56 -10.13 -23.44
CA ALA A 346 14.94 -10.03 -22.98
C ALA A 346 15.51 -11.46 -22.71
N LYS A 347 14.72 -12.29 -22.03
CA LYS A 347 15.15 -13.63 -21.62
C LYS A 347 15.25 -14.54 -22.82
N TYR A 348 14.48 -14.25 -23.85
CA TYR A 348 14.43 -15.08 -25.03
C TYR A 348 15.81 -15.05 -25.71
N TYR A 349 16.30 -13.81 -25.83
CA TYR A 349 17.50 -13.45 -26.50
C TYR A 349 18.65 -13.83 -25.64
N HIS A 350 18.57 -13.52 -24.36
CA HIS A 350 19.65 -13.87 -23.45
C HIS A 350 20.03 -15.31 -23.62
N GLU A 351 19.03 -16.19 -23.66
CA GLU A 351 19.28 -17.63 -23.69
C GLU A 351 19.91 -18.12 -25.00
N ARG A 352 19.96 -17.21 -25.99
CA ARG A 352 20.45 -17.43 -27.36
C ARG A 352 21.71 -16.57 -27.61
N LYS A 353 22.22 -15.97 -26.54
CA LYS A 353 23.50 -15.28 -26.55
C LYS A 353 23.46 -13.98 -27.35
N ASN A 354 22.27 -13.59 -27.78
CA ASN A 354 22.14 -12.26 -28.31
C ASN A 354 22.06 -11.25 -27.13
N PHE A 355 23.21 -11.00 -26.52
CA PHE A 355 23.31 -10.21 -25.33
C PHE A 355 23.01 -8.73 -25.61
N GLN A 356 23.25 -8.29 -26.85
CA GLN A 356 22.97 -6.92 -27.19
C GLN A 356 21.49 -6.68 -27.28
N LYS A 357 20.74 -7.68 -27.78
CA LYS A 357 19.26 -7.62 -27.83
C LYS A 357 18.62 -7.82 -26.44
N ALA A 358 19.09 -8.84 -25.71
CA ALA A 358 18.61 -9.14 -24.36
C ALA A 358 18.65 -7.85 -23.55
N SER A 359 19.77 -7.17 -23.66
CA SER A 359 20.10 -6.00 -22.94
C SER A 359 19.21 -4.81 -23.32
N ALA A 360 18.91 -4.62 -24.61
CA ALA A 360 17.99 -3.54 -25.08
C ALA A 360 16.57 -3.68 -24.51
N TYR A 361 16.09 -4.91 -24.44
CA TYR A 361 14.83 -5.22 -23.81
C TYR A 361 14.85 -5.14 -22.27
N PHE A 362 15.99 -5.37 -21.64
CA PHE A 362 16.15 -5.11 -20.20
C PHE A 362 16.11 -3.60 -19.93
N LEU A 363 16.68 -2.81 -20.84
CA LEU A 363 16.58 -1.36 -20.74
C LEU A 363 15.12 -0.90 -20.93
N LYS A 364 14.41 -1.57 -21.83
CA LYS A 364 12.96 -1.32 -22.02
C LYS A 364 12.11 -1.59 -20.75
N VAL A 365 12.31 -2.75 -20.13
CA VAL A 365 11.80 -3.03 -18.76
C VAL A 365 11.99 -1.86 -17.80
N GLU A 366 13.24 -1.40 -17.65
CA GLU A 366 13.51 -0.14 -16.93
C GLU A 366 12.68 1.10 -17.36
N GLN A 367 12.57 1.34 -18.68
CA GLN A 367 11.77 2.45 -19.22
C GLN A 367 10.30 2.32 -18.81
N VAL A 368 9.70 1.13 -18.91
CA VAL A 368 8.36 0.93 -18.34
C VAL A 368 8.25 1.20 -16.81
N ARG A 369 9.21 0.66 -16.03
CA ARG A 369 9.19 0.87 -14.57
C ARG A 369 9.28 2.37 -14.24
N GLN A 370 9.83 3.18 -15.14
CA GLN A 370 10.00 4.62 -14.90
C GLN A 370 8.76 5.49 -15.23
N LEU A 371 7.76 4.85 -15.83
CA LEU A 371 6.51 5.47 -16.23
C LEU A 371 5.61 5.71 -15.01
N ILE A 372 4.80 6.77 -15.07
CA ILE A 372 3.85 7.00 -14.01
C ILE A 372 2.74 6.02 -14.33
N GLN A 373 2.56 5.02 -13.47
CA GLN A 373 1.59 3.94 -13.70
C GLN A 373 0.32 4.01 -12.86
N GLY A 374 0.43 4.56 -11.64
CA GLY A 374 -0.74 4.69 -10.76
C GLY A 374 -0.63 6.05 -10.12
N GLY A 375 -0.54 7.09 -10.93
CA GLY A 375 -0.24 8.39 -10.34
C GLY A 375 -1.47 8.98 -9.68
N VAL A 376 -1.26 10.05 -8.95
CA VAL A 376 -2.21 10.55 -8.00
C VAL A 376 -2.23 12.12 -8.08
N SER A 377 -3.30 12.72 -7.60
CA SER A 377 -3.50 14.16 -7.49
C SER A 377 -3.86 14.49 -6.07
N LEU A 378 -3.26 15.53 -5.56
CA LEU A 378 -3.71 16.08 -4.31
C LEU A 378 -5.00 16.90 -4.47
N TYR A 379 -5.93 16.63 -3.58
CA TYR A 379 -7.17 17.34 -3.47
C TYR A 379 -6.87 18.62 -2.71
N GLU A 380 -6.91 19.76 -3.42
CA GLU A 380 -6.85 21.08 -2.78
C GLU A 380 -5.60 21.43 -2.01
N ILE A 381 -4.44 20.98 -2.44
CA ILE A 381 -3.24 21.35 -1.73
C ILE A 381 -2.34 22.17 -2.65
N GLU A 382 -1.96 23.35 -2.17
CA GLU A 382 -1.24 24.32 -2.98
C GLU A 382 0.27 24.26 -2.78
N VAL A 383 1.00 24.08 -3.86
CA VAL A 383 2.45 24.23 -3.79
C VAL A 383 2.82 25.72 -3.90
N GLY B 1 18.13 6.28 -0.97
CA GLY B 1 16.75 6.75 -1.26
C GLY B 1 16.58 8.14 -0.67
N ALA B 2 15.32 8.63 -0.61
CA ALA B 2 15.02 9.99 -0.14
C ALA B 2 15.41 10.13 1.33
N MET B 3 16.04 11.23 1.71
CA MET B 3 16.35 11.45 3.14
C MET B 3 15.07 11.80 3.89
N THR B 4 14.94 11.25 5.10
CA THR B 4 14.01 11.81 6.06
C THR B 4 14.05 11.20 7.45
N GLY B 5 13.43 11.93 8.38
CA GLY B 5 13.12 11.42 9.71
C GLY B 5 14.05 11.91 10.79
N VAL B 6 14.93 11.01 11.24
CA VAL B 6 15.43 10.92 12.64
C VAL B 6 14.44 10.06 13.46
N ILE B 7 14.96 9.49 14.55
CA ILE B 7 14.37 8.31 15.22
C ILE B 7 14.77 8.51 16.71
N SER B 8 14.10 7.90 17.71
CA SER B 8 13.60 6.48 17.79
C SER B 8 14.52 5.38 18.39
N SER B 9 13.90 4.25 18.75
CA SER B 9 14.54 3.12 19.45
C SER B 9 13.44 2.07 19.57
N SER B 10 12.20 2.55 19.43
CA SER B 10 10.96 1.76 19.50
C SER B 10 10.93 0.91 20.80
N SER B 11 11.55 1.46 21.83
CA SER B 11 11.97 0.65 22.96
C SER B 11 11.38 1.21 24.24
N ILE B 12 11.49 2.52 24.41
CA ILE B 12 10.88 3.16 25.58
C ILE B 12 9.33 3.03 25.62
N GLY B 13 8.67 3.23 24.48
CA GLY B 13 7.24 3.02 24.38
C GLY B 13 6.80 1.60 24.70
N GLU B 14 7.60 0.64 24.24
CA GLU B 14 7.38 -0.77 24.56
C GLU B 14 7.69 -1.08 26.05
N LYS B 15 8.67 -0.39 26.64
CA LYS B 15 8.94 -0.53 28.06
C LYS B 15 7.78 -0.05 28.91
N ILE B 16 7.13 1.05 28.49
CA ILE B 16 5.94 1.53 29.20
C ILE B 16 4.79 0.54 29.01
N ASN B 17 4.75 -0.11 27.83
CA ASN B 17 3.83 -1.27 27.60
C ASN B 17 4.03 -2.38 28.60
N GLU B 18 5.30 -2.74 28.80
CA GLU B 18 5.73 -3.75 29.73
C GLU B 18 5.42 -3.30 31.17
N TRP B 19 5.74 -2.03 31.47
CA TRP B 19 5.39 -1.44 32.74
C TRP B 19 3.90 -1.64 33.07
N TYR B 20 3.01 -1.31 32.14
CA TYR B 20 1.57 -1.48 32.29
C TYR B 20 1.16 -2.94 32.44
N MET B 21 1.84 -3.86 31.75
CA MET B 21 1.68 -5.31 32.01
C MET B 21 1.85 -5.70 33.49
N TYR B 22 2.99 -5.39 34.09
CA TYR B 22 3.17 -5.57 35.55
C TYR B 22 2.11 -4.79 36.40
N ILE B 23 1.74 -3.55 36.01
CA ILE B 23 0.65 -2.81 36.68
C ILE B 23 -0.64 -3.61 36.71
N ARG B 24 -1.00 -4.20 35.59
CA ARG B 24 -2.19 -5.03 35.49
C ARG B 24 -1.99 -6.38 36.17
N ARG B 25 -0.73 -6.76 36.39
CA ARG B 25 -0.39 -7.96 37.21
C ARG B 25 -0.23 -7.66 38.72
N PHE B 26 -0.40 -6.40 39.08
CA PHE B 26 -0.16 -5.86 40.42
C PHE B 26 1.23 -6.18 40.98
N SER B 27 2.12 -6.64 40.10
CA SER B 27 3.50 -6.97 40.45
C SER B 27 4.30 -5.70 40.70
N ILE B 28 4.25 -5.25 41.96
CA ILE B 28 4.79 -3.95 42.42
C ILE B 28 6.31 -3.82 42.29
N PRO B 29 7.07 -4.81 42.81
CA PRO B 29 8.54 -4.70 42.58
C PRO B 29 8.94 -4.47 41.11
N ASP B 30 8.28 -5.18 40.18
CA ASP B 30 8.61 -5.07 38.77
C ASP B 30 8.06 -3.76 38.18
N ALA B 31 6.80 -3.42 38.48
CA ALA B 31 6.27 -2.08 38.16
C ALA B 31 7.23 -0.94 38.60
N GLU B 32 7.45 -0.84 39.91
CA GLU B 32 8.46 0.05 40.52
C GLU B 32 9.82 0.11 39.81
N TYR B 33 10.29 -1.04 39.31
CA TYR B 33 11.59 -1.12 38.67
C TYR B 33 11.63 -0.26 37.40
N LEU B 34 10.68 -0.52 36.50
CA LEU B 34 10.65 0.13 35.21
C LEU B 34 10.22 1.59 35.32
N ARG B 35 9.26 1.88 36.19
CA ARG B 35 8.94 3.27 36.55
C ARG B 35 10.20 4.16 36.76
N ARG B 36 11.16 3.67 37.56
CA ARG B 36 12.43 4.37 37.83
C ARG B 36 13.25 4.47 36.54
N GLU B 37 13.44 3.30 35.93
CA GLU B 37 14.35 3.15 34.79
C GLU B 37 13.91 3.87 33.52
N ILE B 38 12.59 3.89 33.27
CA ILE B 38 12.03 4.65 32.15
C ILE B 38 12.18 6.13 32.47
N LYS B 39 11.77 6.53 33.67
CA LYS B 39 12.02 7.89 34.17
C LYS B 39 13.42 8.35 33.80
N GLN B 40 14.40 7.48 34.00
CA GLN B 40 15.81 7.83 33.83
C GLN B 40 16.27 7.93 32.36
N GLU B 41 15.63 7.16 31.50
CA GLU B 41 15.90 7.16 30.06
C GLU B 41 15.27 8.34 29.30
N LEU B 42 14.20 8.90 29.91
CA LEU B 42 13.41 9.96 29.30
C LEU B 42 14.04 11.34 29.41
N ASP B 43 14.56 11.66 30.61
CA ASP B 43 15.10 13.00 30.90
C ASP B 43 16.42 13.21 30.18
N GLN B 44 16.97 12.13 29.66
CA GLN B 44 18.17 12.17 28.83
C GLN B 44 17.76 12.04 27.36
N MET B 45 16.59 12.59 27.01
CA MET B 45 16.04 12.35 25.67
C MET B 45 15.58 13.57 24.89
N GLU B 46 16.04 13.63 23.62
CA GLU B 46 15.48 14.54 22.64
C GLU B 46 14.11 13.92 22.36
N GLU B 47 13.13 14.42 23.11
CA GLU B 47 11.82 13.80 23.27
C GLU B 47 10.81 14.20 22.21
N ASP B 48 10.25 13.21 21.55
CA ASP B 48 8.93 13.33 20.95
C ASP B 48 8.10 12.84 22.15
N GLN B 49 7.06 13.58 22.50
CA GLN B 49 6.37 13.22 23.75
C GLN B 49 4.98 12.66 23.53
N ASP B 50 4.93 11.81 22.52
CA ASP B 50 4.27 10.56 22.65
C ASP B 50 4.50 10.12 24.12
N LEU B 51 5.78 9.93 24.44
CA LEU B 51 6.28 9.11 25.54
C LEU B 51 6.04 9.67 26.91
N HIS B 52 6.38 10.94 27.10
CA HIS B 52 6.28 11.63 28.40
C HIS B 52 4.84 11.68 28.84
N LEU B 53 3.99 12.09 27.92
CA LEU B 53 2.57 12.03 28.11
C LEU B 53 2.09 10.61 28.48
N TYR B 54 2.60 9.64 27.74
CA TYR B 54 2.31 8.27 27.99
C TYR B 54 2.84 7.87 29.37
N TYR B 55 4.06 8.28 29.69
CA TYR B 55 4.62 8.08 31.00
C TYR B 55 3.75 8.60 32.11
N SER B 56 3.23 9.84 31.93
CA SER B 56 2.52 10.57 32.99
C SER B 56 1.19 9.91 33.34
N LEU B 57 0.47 9.49 32.29
CA LEU B 57 -0.77 8.71 32.43
C LEU B 57 -0.49 7.33 33.03
N MET B 58 0.70 6.82 32.79
CA MET B 58 1.03 5.53 33.33
C MET B 58 1.46 5.64 34.81
N GLU B 59 2.16 6.72 35.15
CA GLU B 59 2.52 7.00 36.56
C GLU B 59 1.28 7.14 37.44
N PHE B 60 0.27 7.82 36.95
CA PHE B 60 -1.03 7.86 37.61
C PHE B 60 -1.69 6.51 37.70
N ARG B 61 -1.55 5.70 36.65
CA ARG B 61 -2.16 4.39 36.62
C ARG B 61 -1.50 3.46 37.67
N HIS B 62 -0.20 3.63 37.81
CA HIS B 62 0.65 2.95 38.75
C HIS B 62 0.27 3.28 40.22
N ASN B 63 0.03 4.54 40.50
CA ASN B 63 -0.51 4.93 41.80
C ASN B 63 -1.92 4.42 42.06
N LEU B 64 -2.79 4.39 41.05
CA LEU B 64 -4.11 3.82 41.24
C LEU B 64 -4.06 2.32 41.54
N MET B 65 -2.96 1.67 41.12
CA MET B 65 -2.67 0.29 41.48
C MET B 65 -2.16 0.22 42.95
N LEU B 66 -1.22 1.10 43.33
CA LEU B 66 -0.78 1.19 44.73
C LEU B 66 -1.93 1.58 45.67
N GLU B 67 -2.81 2.49 45.21
CA GLU B 67 -4.03 2.89 45.94
C GLU B 67 -5.13 1.83 46.08
N TYR B 68 -5.36 1.06 45.02
CA TYR B 68 -6.35 -0.03 45.07
C TYR B 68 -5.89 -1.21 45.94
N LEU B 69 -4.55 -1.37 46.03
CA LEU B 69 -3.85 -2.36 46.86
C LEU B 69 -3.66 -1.99 48.35
N GLU B 70 -3.95 -0.74 48.72
CA GLU B 70 -3.81 -0.27 50.13
C GLU B 70 -4.67 -1.13 51.06
N PRO B 71 -6.00 -1.19 50.81
CA PRO B 71 -6.88 -1.97 51.66
C PRO B 71 -6.50 -3.46 51.78
N LEU B 72 -5.58 -3.90 50.93
CA LEU B 72 -5.24 -5.31 50.85
C LEU B 72 -4.28 -5.79 51.91
N GLU B 73 -3.36 -4.93 52.33
N GLU B 73 -3.34 -4.95 52.34
CA GLU B 73 -2.45 -5.29 53.42
CA GLU B 73 -2.47 -5.38 53.43
C GLU B 73 -3.19 -5.41 54.77
C GLU B 73 -3.25 -5.50 54.76
N LYS B 74 -4.37 -4.76 54.85
CA LYS B 74 -5.30 -4.86 56.00
C LYS B 74 -6.11 -6.19 56.04
N MET B 75 -5.86 -7.07 55.07
CA MET B 75 -6.64 -8.28 54.86
C MET B 75 -5.76 -9.52 54.75
N ARG B 76 -6.32 -10.68 55.07
CA ARG B 76 -5.62 -11.95 54.87
C ARG B 76 -6.26 -12.63 53.66
N ILE B 77 -5.53 -13.55 53.04
CA ILE B 77 -5.94 -14.14 51.77
C ILE B 77 -7.44 -14.22 51.55
N GLU B 78 -8.16 -14.83 52.48
CA GLU B 78 -9.58 -15.11 52.31
C GLU B 78 -10.47 -13.87 52.21
N GLU B 79 -10.08 -12.79 52.90
CA GLU B 79 -10.84 -11.52 52.89
C GLU B 79 -10.66 -10.83 51.54
N GLN B 80 -9.50 -11.00 50.94
CA GLN B 80 -9.16 -10.20 49.79
C GLN B 80 -9.77 -10.63 48.43
N PRO B 81 -9.99 -9.63 47.55
CA PRO B 81 -10.64 -9.79 46.26
C PRO B 81 -9.78 -10.57 45.32
N ARG B 82 -10.39 -11.10 44.27
CA ARG B 82 -9.61 -11.65 43.18
C ARG B 82 -8.95 -10.44 42.46
N LEU B 83 -7.64 -10.55 42.22
CA LEU B 83 -6.92 -9.51 41.51
C LEU B 83 -7.41 -9.32 40.05
N SER B 84 -8.08 -10.35 39.51
CA SER B 84 -8.83 -10.25 38.26
C SER B 84 -9.93 -9.25 38.47
N ASP B 85 -10.80 -9.50 39.46
CA ASP B 85 -11.87 -8.59 39.86
C ASP B 85 -11.42 -7.15 40.15
N LEU B 86 -10.33 -7.00 40.90
CA LEU B 86 -9.84 -5.69 41.28
C LEU B 86 -9.50 -4.82 40.03
N LEU B 87 -8.95 -5.49 39.01
CA LEU B 87 -8.54 -4.89 37.75
C LEU B 87 -9.71 -4.36 36.91
N LEU B 88 -10.79 -5.13 36.86
CA LEU B 88 -12.01 -4.74 36.18
C LEU B 88 -12.76 -3.62 36.89
N GLU B 89 -12.60 -3.55 38.21
CA GLU B 89 -13.13 -2.47 39.00
C GLU B 89 -12.42 -1.16 38.58
N ILE B 90 -11.08 -1.19 38.57
CA ILE B 90 -10.23 -0.03 38.22
C ILE B 90 -10.47 0.44 36.79
N ASP B 91 -10.69 -0.49 35.86
CA ASP B 91 -10.96 -0.20 34.44
C ASP B 91 -12.33 0.47 34.27
N LYS B 92 -13.35 -0.05 34.97
CA LYS B 92 -14.71 0.49 34.89
C LYS B 92 -14.87 1.88 35.53
N LYS B 93 -14.04 2.19 36.53
CA LYS B 93 -14.09 3.51 37.19
C LYS B 93 -13.25 4.55 36.45
N GLN B 94 -12.29 4.07 35.65
CA GLN B 94 -11.42 4.95 34.89
C GLN B 94 -11.58 4.76 33.39
N ALA B 95 -12.82 4.75 32.90
CA ALA B 95 -13.07 4.57 31.45
C ALA B 95 -12.19 5.43 30.54
N ARG B 96 -12.26 6.74 30.72
CA ARG B 96 -11.51 7.69 29.88
C ARG B 96 -10.02 7.41 29.92
N LEU B 97 -9.45 7.27 31.12
CA LEU B 97 -8.03 7.06 31.24
C LEU B 97 -7.61 5.75 30.56
N THR B 98 -8.40 4.70 30.75
CA THR B 98 -8.08 3.39 30.27
C THR B 98 -8.04 3.35 28.75
N GLY B 99 -8.93 4.12 28.12
CA GLY B 99 -9.03 4.18 26.67
C GLY B 99 -7.87 4.96 26.12
N LEU B 100 -7.49 6.01 26.81
CA LEU B 100 -6.37 6.83 26.40
C LEU B 100 -5.07 6.05 26.56
N LEU B 101 -5.07 5.13 27.50
CA LEU B 101 -3.93 4.25 27.72
C LEU B 101 -3.84 3.19 26.61
N GLU B 102 -4.98 2.69 26.17
CA GLU B 102 -5.09 1.74 25.05
C GLU B 102 -4.65 2.42 23.73
N TYR B 103 -5.03 3.67 23.53
CA TYR B 103 -4.53 4.45 22.42
C TYR B 103 -3.01 4.33 22.33
N TYR B 104 -2.32 4.79 23.35
CA TYR B 104 -0.87 4.76 23.35
C TYR B 104 -0.30 3.34 23.34
N PHE B 105 -0.93 2.45 24.08
CA PHE B 105 -0.44 1.10 24.17
C PHE B 105 -0.38 0.47 22.81
N ASN B 106 -1.47 0.56 22.06
CA ASN B 106 -1.54 -0.01 20.69
C ASN B 106 -0.64 0.69 19.67
N PHE B 107 -0.52 1.98 19.83
CA PHE B 107 0.32 2.76 18.99
C PHE B 107 1.79 2.32 19.13
N PHE B 108 2.28 2.22 20.36
CA PHE B 108 3.69 1.86 20.58
C PHE B 108 3.93 0.37 20.34
N ARG B 109 2.91 -0.48 20.59
CA ARG B 109 3.03 -1.85 20.20
C ARG B 109 3.10 -2.03 18.68
N GLY B 110 2.32 -1.25 17.91
CA GLY B 110 2.41 -1.31 16.46
C GLY B 110 3.76 -0.89 15.92
N MET B 111 4.34 0.15 16.53
CA MET B 111 5.67 0.63 16.19
C MET B 111 6.73 -0.38 16.41
N TYR B 112 6.58 -1.12 17.50
CA TYR B 112 7.46 -2.16 17.82
C TYR B 112 7.34 -3.29 16.78
N GLU B 113 6.10 -3.67 16.46
CA GLU B 113 5.85 -4.72 15.46
C GLU B 113 6.43 -4.34 14.10
N LEU B 114 6.29 -3.07 13.72
CA LEU B 114 6.87 -2.51 12.48
C LEU B 114 8.39 -2.64 12.47
N ASP B 115 8.95 -2.36 13.63
CA ASP B 115 10.35 -2.51 13.87
C ASP B 115 10.79 -3.98 13.77
N GLN B 116 9.91 -4.92 14.10
CA GLN B 116 10.17 -6.38 13.99
C GLN B 116 9.81 -6.90 12.65
N ARG B 117 9.36 -6.01 11.75
CA ARG B 117 8.94 -6.38 10.39
C ARG B 117 7.75 -7.31 10.40
N GLU B 118 6.88 -7.07 11.36
CA GLU B 118 5.66 -7.80 11.49
C GLU B 118 4.55 -6.86 11.02
N TYR B 119 4.37 -6.74 9.70
CA TYR B 119 3.59 -5.66 9.06
C TYR B 119 2.11 -5.71 9.29
N LEU B 120 1.48 -6.87 9.11
CA LEU B 120 0.06 -7.04 9.31
C LEU B 120 -0.30 -6.84 10.75
N SER B 121 0.58 -7.30 11.64
CA SER B 121 0.43 -7.08 13.11
C SER B 121 0.57 -5.63 13.47
N ALA B 122 1.56 -4.94 12.90
CA ALA B 122 1.70 -3.49 13.08
C ALA B 122 0.40 -2.76 12.66
N ILE B 123 -0.19 -3.14 11.50
CA ILE B 123 -1.46 -2.54 11.04
C ILE B 123 -2.65 -2.87 11.97
N LYS B 124 -2.74 -4.10 12.42
CA LYS B 124 -3.74 -4.48 13.38
C LYS B 124 -3.67 -3.59 14.64
N PHE B 125 -2.47 -3.40 15.20
CA PHE B 125 -2.32 -2.45 16.32
C PHE B 125 -2.55 -1.02 15.99
N PHE B 126 -2.06 -0.56 14.84
CA PHE B 126 -2.32 0.82 14.38
C PHE B 126 -3.82 1.14 14.24
N LYS B 127 -4.62 0.23 13.71
CA LYS B 127 -6.10 0.37 13.65
C LYS B 127 -6.83 0.39 14.98
N LYS B 128 -6.39 -0.43 15.92
CA LYS B 128 -6.78 -0.37 17.32
C LYS B 128 -6.48 1.00 17.95
N ALA B 129 -5.25 1.47 17.79
CA ALA B 129 -4.89 2.83 18.15
C ALA B 129 -5.85 3.87 17.50
N GLU B 130 -6.10 3.75 16.19
CA GLU B 130 -6.92 4.76 15.46
C GLU B 130 -8.38 4.81 15.97
N SER B 131 -8.67 3.91 16.96
CA SER B 131 -10.06 3.58 17.08
C SER B 131 -10.25 4.02 18.51
N LYS B 132 -9.13 4.29 19.20
CA LYS B 132 -9.11 4.88 20.53
C LYS B 132 -8.87 6.38 20.44
N LEU B 133 -8.92 6.89 19.22
CA LEU B 133 -8.62 8.27 18.92
C LEU B 133 -9.72 9.13 19.43
N ILE B 134 -10.91 8.54 19.59
CA ILE B 134 -12.03 9.19 20.28
C ILE B 134 -11.61 9.66 21.68
N PHE B 135 -10.74 8.91 22.35
CA PHE B 135 -10.26 9.29 23.71
C PHE B 135 -9.20 10.37 23.65
N VAL B 136 -8.77 10.69 22.44
CA VAL B 136 -7.69 11.64 22.29
C VAL B 136 -8.34 12.96 22.05
N LYS B 137 -8.60 13.63 23.16
N LYS B 137 -8.60 13.60 23.17
CA LYS B 137 -8.71 15.08 23.23
CA LYS B 137 -8.53 15.04 23.33
C LYS B 137 -8.50 15.83 21.92
C LYS B 137 -8.48 15.83 22.03
N ASP B 138 -7.25 16.26 21.77
CA ASP B 138 -6.87 17.44 21.01
C ASP B 138 -6.51 17.08 19.58
N ARG B 139 -6.78 18.03 18.70
CA ARG B 139 -6.68 17.84 17.29
C ARG B 139 -5.23 17.74 16.81
N ILE B 140 -4.30 18.40 17.52
CA ILE B 140 -2.89 18.37 17.17
C ILE B 140 -2.30 16.97 17.45
N GLU B 141 -2.81 16.33 18.49
CA GLU B 141 -2.45 15.00 18.82
C GLU B 141 -3.07 13.95 17.86
N LYS B 142 -4.21 14.29 17.24
CA LYS B 142 -4.82 13.50 16.19
C LYS B 142 -3.92 13.63 14.98
N ALA B 143 -3.50 14.87 14.69
CA ALA B 143 -2.61 15.18 13.59
C ALA B 143 -1.28 14.44 13.75
N GLU B 144 -0.78 14.35 14.97
CA GLU B 144 0.44 13.59 15.27
C GLU B 144 0.28 12.14 14.93
N PHE B 145 -0.85 11.57 15.25
CA PHE B 145 -1.11 10.22 14.88
C PHE B 145 -1.03 9.99 13.34
N PHE B 146 -1.82 10.79 12.61
CA PHE B 146 -1.95 10.71 11.18
C PHE B 146 -0.56 10.90 10.52
N PHE B 147 0.23 11.81 11.10
CA PHE B 147 1.50 12.20 10.54
C PHE B 147 2.42 11.01 10.65
N LYS B 148 2.33 10.33 11.81
CA LYS B 148 3.16 9.17 12.09
C LYS B 148 2.67 7.94 11.33
N MET B 149 1.37 7.83 11.12
CA MET B 149 0.85 6.81 10.26
C MET B 149 1.36 6.96 8.87
N SER B 150 1.45 8.20 8.43
CA SER B 150 1.96 8.53 7.09
C SER B 150 3.40 8.15 6.92
N GLU B 151 4.19 8.34 7.98
CA GLU B 151 5.61 7.95 8.04
C GLU B 151 5.72 6.45 7.96
N SER B 152 4.97 5.73 8.80
CA SER B 152 4.93 4.25 8.84
C SER B 152 4.51 3.56 7.54
N TYR B 153 3.51 4.10 6.85
CA TYR B 153 3.01 3.49 5.61
C TYR B 153 3.88 3.89 4.43
N TYR B 154 4.64 4.97 4.59
CA TYR B 154 5.70 5.32 3.69
C TYR B 154 6.78 4.25 3.81
N TYR B 155 7.25 3.99 5.03
N TYR B 155 7.27 4.00 5.03
CA TYR B 155 8.19 2.92 5.26
CA TYR B 155 8.20 2.91 5.25
C TYR B 155 7.69 1.54 4.72
C TYR B 155 7.68 1.57 4.67
N MET B 156 6.37 1.31 4.76
CA MET B 156 5.75 0.03 4.30
C MET B 156 5.34 0.06 2.83
N LYS B 157 5.66 1.17 2.17
CA LYS B 157 5.29 1.47 0.78
C LYS B 157 3.82 1.27 0.46
N GLN B 158 2.94 1.55 1.42
CA GLN B 158 1.50 1.51 1.16
C GLN B 158 1.25 2.99 0.79
N THR B 159 1.80 3.38 -0.39
CA THR B 159 1.90 4.77 -0.86
C THR B 159 0.61 5.59 -0.81
N TYR B 160 -0.51 4.99 -1.18
CA TYR B 160 -1.72 5.77 -1.24
C TYR B 160 -2.18 6.11 0.19
N PHE B 161 -2.19 5.09 1.08
CA PHE B 161 -2.57 5.27 2.44
C PHE B 161 -1.61 6.24 3.11
N SER B 162 -0.34 6.12 2.81
CA SER B 162 0.60 7.13 3.33
C SER B 162 0.27 8.59 2.94
N MET B 163 -0.19 8.79 1.70
CA MET B 163 -0.57 10.09 1.21
C MET B 163 -1.90 10.54 1.81
N ASP B 164 -2.87 9.62 1.92
CA ASP B 164 -4.07 9.92 2.66
C ASP B 164 -3.90 10.36 4.14
N TYR B 165 -3.01 9.76 4.89
CA TYR B 165 -2.72 10.21 6.21
C TYR B 165 -1.99 11.55 6.24
N ALA B 166 -1.06 11.75 5.31
CA ALA B 166 -0.34 13.03 5.20
C ALA B 166 -1.34 14.20 4.99
N ARG B 167 -2.32 13.97 4.12
CA ARG B 167 -3.40 14.90 3.80
C ARG B 167 -4.25 15.20 5.05
N GLN B 168 -4.60 14.18 5.83
CA GLN B 168 -5.37 14.39 7.04
C GLN B 168 -4.58 15.19 8.09
N ALA B 169 -3.29 14.87 8.25
CA ALA B 169 -2.40 15.62 9.14
C ALA B 169 -2.30 17.06 8.62
N TYR B 170 -2.05 17.25 7.33
CA TYR B 170 -1.97 18.58 6.68
C TYR B 170 -3.14 19.51 7.00
N GLU B 171 -4.37 19.02 6.85
CA GLU B 171 -5.60 19.74 7.11
C GLU B 171 -5.70 20.32 8.49
N ILE B 172 -5.28 19.56 9.49
CA ILE B 172 -5.24 20.05 10.83
C ILE B 172 -4.09 21.08 10.99
N TYR B 173 -2.83 20.70 10.75
CA TYR B 173 -1.70 21.64 10.84
C TYR B 173 -1.90 22.95 10.09
N LYS B 174 -2.66 22.92 9.01
CA LYS B 174 -2.86 24.07 8.13
C LYS B 174 -3.67 25.17 8.86
N GLU B 175 -4.77 24.78 9.50
CA GLU B 175 -5.62 25.72 10.22
C GLU B 175 -5.05 26.20 11.56
N HIS B 176 -3.94 25.60 11.98
N HIS B 176 -3.93 25.62 11.98
CA HIS B 176 -3.24 26.03 13.19
CA HIS B 176 -3.23 26.08 13.17
C HIS B 176 -2.07 26.96 12.77
C HIS B 176 -2.22 27.16 12.77
N GLU B 177 -1.45 27.63 13.74
CA GLU B 177 -0.56 28.81 13.49
C GLU B 177 0.96 28.55 13.49
N ALA B 178 1.41 27.82 14.51
CA ALA B 178 2.81 27.60 14.76
C ALA B 178 3.20 26.21 14.33
N TYR B 179 2.47 25.67 13.35
CA TYR B 179 2.72 24.30 12.90
C TYR B 179 3.22 24.26 11.48
N ASN B 180 4.06 25.25 11.16
CA ASN B 180 4.64 25.39 9.86
C ASN B 180 5.69 24.33 9.54
N ILE B 181 6.47 23.92 10.55
CA ILE B 181 7.48 22.86 10.43
C ILE B 181 6.76 21.55 10.16
N ARG B 182 5.82 21.16 11.01
CA ARG B 182 4.91 20.10 10.64
C ARG B 182 4.31 20.18 9.23
N LEU B 183 3.80 21.34 8.86
CA LEU B 183 3.29 21.52 7.49
C LEU B 183 4.31 21.25 6.37
N LEU B 184 5.52 21.84 6.46
CA LEU B 184 6.57 21.56 5.50
C LEU B 184 6.93 20.05 5.52
N GLN B 185 6.87 19.40 6.68
CA GLN B 185 7.17 17.99 6.74
C GLN B 185 6.09 17.15 6.06
N CYS B 186 4.86 17.66 6.04
CA CYS B 186 3.79 17.00 5.33
C CYS B 186 4.06 17.03 3.88
N HIS B 187 4.54 18.19 3.39
CA HIS B 187 4.96 18.39 2.00
C HIS B 187 6.07 17.43 1.56
N SER B 188 7.09 17.19 2.39
CA SER B 188 8.12 16.13 2.17
C SER B 188 7.55 14.70 2.00
N LEU B 189 6.59 14.36 2.85
CA LEU B 189 5.76 13.17 2.70
C LEU B 189 5.00 13.06 1.38
N PHE B 190 4.39 14.14 0.91
CA PHE B 190 3.70 14.06 -0.37
C PHE B 190 4.76 13.86 -1.42
N ALA B 191 5.88 14.54 -1.18
CA ALA B 191 6.97 14.54 -2.13
C ALA B 191 7.63 13.16 -2.24
N THR B 192 8.06 12.58 -1.13
CA THR B 192 8.61 11.21 -1.11
C THR B 192 7.65 10.14 -1.64
N ASN B 193 6.38 10.30 -1.40
CA ASN B 193 5.42 9.39 -1.99
C ASN B 193 5.24 9.57 -3.49
N PHE B 194 5.12 10.80 -3.96
CA PHE B 194 5.09 11.09 -5.38
C PHE B 194 6.34 10.45 -6.04
N LEU B 195 7.50 10.58 -5.41
CA LEU B 195 8.73 9.97 -5.94
C LEU B 195 8.61 8.47 -6.21
N ASP B 196 8.08 7.71 -5.24
CA ASP B 196 7.85 6.29 -5.36
C ASP B 196 6.87 5.93 -6.47
N LEU B 197 6.00 6.90 -6.78
CA LEU B 197 5.04 6.78 -7.86
C LEU B 197 5.57 7.21 -9.25
N LYS B 198 6.81 7.69 -9.29
CA LYS B 198 7.46 8.22 -10.51
C LYS B 198 6.90 9.59 -10.97
N GLN B 199 6.10 10.20 -10.09
CA GLN B 199 5.66 11.54 -10.35
C GLN B 199 6.74 12.52 -9.97
N TYR B 200 7.79 12.60 -10.78
CA TYR B 200 8.96 13.41 -10.39
C TYR B 200 8.73 14.91 -10.30
N GLU B 201 7.92 15.47 -11.20
CA GLU B 201 7.59 16.89 -11.21
C GLU B 201 6.84 17.23 -9.95
N ASP B 202 5.83 16.42 -9.64
CA ASP B 202 5.06 16.62 -8.40
C ASP B 202 5.89 16.50 -7.14
N ALA B 203 6.85 15.58 -7.17
CA ALA B 203 7.76 15.37 -6.07
C ALA B 203 8.65 16.58 -5.90
N ILE B 204 9.24 17.05 -7.01
CA ILE B 204 10.10 18.30 -7.00
C ILE B 204 9.33 19.54 -6.47
N SER B 205 8.09 19.70 -6.94
CA SER B 205 7.23 20.82 -6.55
C SER B 205 7.08 20.89 -5.09
N HIS B 206 6.78 19.73 -4.50
CA HIS B 206 6.57 19.61 -3.03
C HIS B 206 7.84 19.66 -2.25
N PHE B 207 8.94 19.14 -2.82
CA PHE B 207 10.28 19.33 -2.22
C PHE B 207 10.71 20.83 -2.26
N GLN B 208 10.42 21.49 -3.37
CA GLN B 208 10.71 22.90 -3.48
C GLN B 208 9.89 23.72 -2.51
N LYS B 209 8.61 23.35 -2.33
CA LYS B 209 7.73 24.04 -1.40
C LYS B 209 8.19 23.90 0.04
N ALA B 210 8.63 22.72 0.43
CA ALA B 210 9.14 22.43 1.77
C ALA B 210 10.50 23.07 2.04
N TYR B 211 11.33 23.18 1.01
CA TYR B 211 12.58 23.94 1.10
C TYR B 211 12.28 25.40 1.47
N SER B 212 11.47 26.05 0.63
CA SER B 212 10.96 27.40 0.81
C SER B 212 10.53 27.70 2.22
N MET B 213 9.82 26.75 2.83
CA MET B 213 9.24 26.93 4.17
C MET B 213 10.25 26.64 5.23
N ALA B 214 11.25 25.83 4.87
CA ALA B 214 12.28 25.42 5.80
C ALA B 214 13.29 26.55 5.90
N GLU B 215 13.49 27.25 4.78
CA GLU B 215 14.23 28.50 4.75
C GLU B 215 13.59 29.52 5.71
N ALA B 216 12.28 29.77 5.57
CA ALA B 216 11.60 30.65 6.50
C ALA B 216 11.70 30.33 8.01
N GLU B 217 11.81 29.05 8.36
CA GLU B 217 11.86 28.63 9.76
C GLU B 217 13.28 28.49 10.26
N LYS B 218 14.22 28.80 9.37
CA LYS B 218 15.67 28.65 9.62
C LYS B 218 15.92 27.30 10.25
N GLN B 219 15.60 26.29 9.44
CA GLN B 219 15.69 24.90 9.85
C GLN B 219 16.65 24.22 8.87
N PRO B 220 17.96 24.24 9.19
CA PRO B 220 19.00 23.87 8.21
C PRO B 220 19.01 22.38 7.89
N GLN B 221 18.68 21.55 8.88
CA GLN B 221 18.61 20.11 8.71
C GLN B 221 17.53 19.79 7.67
N LEU B 222 16.43 20.53 7.72
CA LEU B 222 15.34 20.33 6.80
C LEU B 222 15.71 20.86 5.43
N MET B 223 16.49 21.94 5.42
CA MET B 223 16.87 22.61 4.18
C MET B 223 17.76 21.70 3.35
N GLY B 224 18.71 21.06 4.03
CA GLY B 224 19.62 20.12 3.40
C GLY B 224 18.92 18.88 2.87
N ARG B 225 18.04 18.28 3.67
CA ARG B 225 17.28 17.06 3.24
C ARG B 225 16.45 17.31 2.00
N THR B 226 15.78 18.47 1.96
CA THR B 226 14.86 18.79 0.86
C THR B 226 15.66 19.09 -0.43
N LEU B 227 16.79 19.80 -0.26
CA LEU B 227 17.74 20.05 -1.35
C LEU B 227 18.35 18.76 -1.88
N TYR B 228 18.76 17.87 -0.98
CA TYR B 228 19.30 16.60 -1.39
C TYR B 228 18.25 15.80 -2.15
N ASN B 229 17.02 15.87 -1.68
CA ASN B 229 15.97 15.10 -2.26
C ASN B 229 15.54 15.57 -3.65
N ILE B 230 15.50 16.89 -3.86
CA ILE B 230 15.40 17.45 -5.22
C ILE B 230 16.51 16.92 -6.14
N GLY B 231 17.74 16.93 -5.68
CA GLY B 231 18.86 16.33 -6.42
C GLY B 231 18.62 14.88 -6.75
N LEU B 232 18.15 14.14 -5.75
CA LEU B 232 17.81 12.70 -5.87
C LEU B 232 16.81 12.46 -6.97
N CYS B 233 15.78 13.30 -7.07
CA CYS B 233 14.79 13.20 -8.11
C CYS B 233 15.37 13.40 -9.50
N LYS B 234 16.26 14.40 -9.63
CA LYS B 234 16.96 14.63 -10.91
C LYS B 234 17.81 13.43 -11.25
N ASN B 235 18.57 12.95 -10.24
CA ASN B 235 19.37 11.72 -10.34
C ASN B 235 18.59 10.50 -10.80
N SER B 236 17.44 10.26 -10.19
CA SER B 236 16.52 9.15 -10.57
C SER B 236 16.10 9.15 -12.03
N GLN B 237 15.88 10.36 -12.54
CA GLN B 237 15.49 10.56 -13.90
C GLN B 237 16.70 10.61 -14.83
N SER B 238 17.90 10.38 -14.34
CA SER B 238 19.14 10.46 -15.14
C SER B 238 19.52 11.87 -15.52
N GLN B 239 18.88 12.85 -14.90
CA GLN B 239 19.23 14.25 -15.14
C GLN B 239 20.40 14.65 -14.27
N TYR B 240 21.53 14.03 -14.57
CA TYR B 240 22.75 14.08 -13.73
C TYR B 240 23.34 15.47 -13.52
N GLU B 241 23.46 16.22 -14.60
CA GLU B 241 24.00 17.59 -14.50
C GLU B 241 23.11 18.52 -13.66
N ASP B 242 21.79 18.40 -13.86
CA ASP B 242 20.79 19.17 -13.10
C ASP B 242 20.85 18.87 -11.59
N ALA B 243 21.29 17.64 -11.27
CA ALA B 243 21.30 17.13 -9.90
C ALA B 243 22.39 17.77 -9.08
N ILE B 244 23.59 17.86 -9.65
CA ILE B 244 24.83 18.41 -9.02
C ILE B 244 24.68 19.69 -8.17
N PRO B 245 24.01 20.74 -8.70
CA PRO B 245 23.97 21.97 -7.90
C PRO B 245 23.20 21.73 -6.61
N TYR B 246 22.13 20.94 -6.73
CA TYR B 246 21.32 20.55 -5.58
C TYR B 246 22.06 19.83 -4.48
N PHE B 247 22.85 18.84 -4.87
CA PHE B 247 23.70 18.11 -3.91
C PHE B 247 24.77 19.02 -3.33
N LYS B 248 25.35 19.90 -4.16
CA LYS B 248 26.35 20.91 -3.68
C LYS B 248 25.76 21.85 -2.64
N ARG B 249 24.58 22.40 -2.95
CA ARG B 249 23.84 23.27 -2.01
C ARG B 249 23.50 22.54 -0.73
N ALA B 250 23.06 21.29 -0.85
CA ALA B 250 22.77 20.48 0.34
C ALA B 250 24.00 20.26 1.19
N ILE B 251 25.13 19.91 0.58
CA ILE B 251 26.40 19.66 1.29
C ILE B 251 26.85 20.97 1.94
N ALA B 252 26.68 22.09 1.25
CA ALA B 252 27.05 23.38 1.86
C ALA B 252 26.27 23.64 3.14
N VAL B 253 24.97 23.32 3.10
CA VAL B 253 24.09 23.44 4.25
C VAL B 253 24.49 22.49 5.40
N PHE B 254 24.79 21.24 5.08
CA PHE B 254 25.11 20.26 6.12
C PHE B 254 26.45 20.56 6.76
N GLU B 255 27.38 21.06 5.97
CA GLU B 255 28.69 21.41 6.49
C GLU B 255 28.64 22.64 7.40
N GLU B 256 27.95 23.70 6.96
CA GLU B 256 27.78 24.91 7.76
C GLU B 256 27.28 24.64 9.18
N SER B 257 26.41 23.65 9.35
CA SER B 257 25.76 23.35 10.63
C SER B 257 26.35 22.12 11.30
N ASN B 258 27.45 21.61 10.73
CA ASN B 258 28.11 20.40 11.26
C ASN B 258 27.13 19.24 11.41
N ILE B 259 26.26 19.06 10.40
CA ILE B 259 25.32 17.95 10.40
C ILE B 259 26.11 16.75 9.89
N LEU B 260 26.97 16.22 10.77
CA LEU B 260 27.88 15.12 10.41
C LEU B 260 27.16 13.88 9.87
N PRO B 261 26.05 13.44 10.52
CA PRO B 261 25.43 12.16 10.11
C PRO B 261 24.77 12.14 8.74
N SER B 262 24.57 13.32 8.14
CA SER B 262 23.93 13.46 6.82
C SER B 262 24.97 13.56 5.70
N LEU B 263 26.20 13.87 6.08
CA LEU B 263 27.26 14.09 5.10
C LEU B 263 27.69 12.84 4.30
N PRO B 264 27.76 11.65 4.93
CA PRO B 264 28.05 10.48 4.09
C PRO B 264 27.08 10.27 2.92
N GLN B 265 25.76 10.35 3.16
CA GLN B 265 24.75 10.27 2.06
C GLN B 265 24.82 11.43 1.12
N ALA B 266 25.00 12.59 1.71
CA ALA B 266 25.09 13.84 0.95
C ALA B 266 26.15 13.73 -0.12
N TYR B 267 27.28 13.13 0.23
CA TYR B 267 28.40 13.02 -0.70
C TYR B 267 28.26 11.87 -1.65
N PHE B 268 27.39 10.91 -1.34
CA PHE B 268 27.37 9.69 -2.13
C PHE B 268 27.01 9.80 -3.59
N LEU B 269 25.86 10.35 -3.93
CA LEU B 269 25.40 10.30 -5.30
C LEU B 269 26.16 11.28 -6.20
N ILE B 270 26.67 12.36 -5.60
CA ILE B 270 27.43 13.34 -6.35
C ILE B 270 28.77 12.70 -6.75
N THR B 271 29.33 11.90 -5.87
CA THR B 271 30.48 11.09 -6.24
C THR B 271 30.18 10.15 -7.41
N GLN B 272 29.07 9.41 -7.31
CA GLN B 272 28.70 8.46 -8.32
C GLN B 272 28.43 9.15 -9.65
N ILE B 273 27.87 10.36 -9.58
CA ILE B 273 27.55 11.12 -10.81
C ILE B 273 28.84 11.48 -11.60
N HIS B 274 29.85 11.93 -10.88
CA HIS B 274 31.09 12.29 -11.48
C HIS B 274 31.77 11.11 -12.13
N TYR B 275 31.65 9.92 -11.55
CA TYR B 275 32.19 8.71 -12.15
C TYR B 275 31.46 8.44 -13.43
N LYS B 276 30.13 8.53 -13.34
CA LYS B 276 29.22 8.27 -14.43
C LYS B 276 29.52 9.19 -15.61
N LEU B 277 29.76 10.47 -15.32
CA LEU B 277 30.15 11.46 -16.33
C LEU B 277 31.58 11.32 -16.91
N GLY B 278 32.42 10.51 -16.26
CA GLY B 278 33.79 10.34 -16.69
C GLY B 278 34.65 11.45 -16.11
N LYS B 279 34.09 12.24 -15.18
CA LYS B 279 34.84 13.28 -14.45
C LYS B 279 35.67 12.75 -13.27
N ILE B 280 36.59 11.81 -13.56
CA ILE B 280 37.36 11.06 -12.56
C ILE B 280 38.16 11.94 -11.59
N ASP B 281 38.53 13.15 -12.00
CA ASP B 281 39.22 14.07 -11.09
C ASP B 281 38.28 14.62 -9.98
N LYS B 282 37.19 15.24 -10.39
CA LYS B 282 36.14 15.65 -9.48
C LYS B 282 35.58 14.46 -8.67
N ALA B 283 35.34 13.32 -9.33
CA ALA B 283 34.84 12.11 -8.67
C ALA B 283 35.73 11.68 -7.50
N HIS B 284 37.04 11.58 -7.77
CA HIS B 284 38.04 11.26 -6.76
C HIS B 284 38.08 12.26 -5.59
N GLU B 285 37.83 13.53 -5.88
CA GLU B 285 37.61 14.59 -4.88
C GLU B 285 36.45 14.29 -3.89
N TYR B 286 35.23 14.11 -4.41
CA TYR B 286 34.05 13.90 -3.59
C TYR B 286 34.16 12.57 -2.84
N HIS B 287 34.66 11.56 -3.54
CA HIS B 287 34.85 10.23 -2.98
C HIS B 287 35.69 10.21 -1.71
N SER B 288 36.75 11.03 -1.62
CA SER B 288 37.65 11.02 -0.46
C SER B 288 36.99 11.72 0.72
N LYS B 289 36.37 12.85 0.45
CA LYS B 289 35.56 13.55 1.44
C LYS B 289 34.36 12.68 1.94
N GLY B 290 33.60 12.06 1.03
CA GLY B 290 32.47 11.26 1.46
C GLY B 290 32.86 10.05 2.29
N MET B 291 33.98 9.44 1.93
N MET B 291 33.98 9.42 1.93
CA MET B 291 34.54 8.28 2.58
CA MET B 291 34.50 8.26 2.64
C MET B 291 35.08 8.65 3.98
C MET B 291 35.02 8.68 4.02
N ALA B 292 35.68 9.84 4.10
CA ALA B 292 36.20 10.36 5.37
C ALA B 292 35.09 10.68 6.39
N TYR B 293 34.02 11.29 5.88
CA TYR B 293 32.82 11.48 6.67
C TYR B 293 32.24 10.16 7.13
N SER B 294 32.23 9.15 6.25
CA SER B 294 31.73 7.81 6.60
C SER B 294 32.58 7.15 7.66
N GLN B 295 33.91 7.30 7.57
CA GLN B 295 34.85 6.81 8.58
C GLN B 295 34.61 7.51 9.93
N LYS B 296 34.40 8.82 9.89
CA LYS B 296 34.20 9.57 11.14
C LYS B 296 32.83 9.36 11.80
N ALA B 297 31.80 9.16 11.00
CA ALA B 297 30.47 8.94 11.53
C ALA B 297 30.28 7.47 11.89
N GLY B 298 31.27 6.63 11.60
CA GLY B 298 31.14 5.19 11.78
C GLY B 298 30.01 4.60 10.93
N ASP B 299 29.75 5.18 9.76
CA ASP B 299 28.64 4.72 8.90
C ASP B 299 28.98 3.44 8.11
N VAL B 300 28.58 2.30 8.66
CA VAL B 300 28.98 1.03 8.08
C VAL B 300 28.52 0.85 6.64
N ILE B 301 27.29 1.26 6.36
CA ILE B 301 26.70 1.07 5.05
C ILE B 301 27.32 1.99 3.99
N TYR B 302 27.49 3.26 4.28
CA TYR B 302 28.08 4.12 3.25
C TYR B 302 29.59 3.82 3.01
N LEU B 303 30.29 3.52 4.08
CA LEU B 303 31.64 3.12 3.99
C LEU B 303 31.68 2.02 2.96
N SER B 304 30.75 1.10 2.99
CA SER B 304 30.75 -0.01 2.06
C SER B 304 30.28 0.39 0.65
N GLU B 305 29.41 1.40 0.55
CA GLU B 305 28.85 1.87 -0.75
C GLU B 305 29.84 2.76 -1.50
N PHE B 306 30.61 3.55 -0.78
CA PHE B 306 31.74 4.23 -1.37
C PHE B 306 32.79 3.26 -1.89
N GLU B 307 33.01 2.15 -1.16
CA GLU B 307 33.91 1.13 -1.62
C GLU B 307 33.44 0.53 -2.94
N PHE B 308 32.11 0.40 -3.12
CA PHE B 308 31.53 -0.20 -4.31
C PHE B 308 31.72 0.70 -5.54
N LEU B 309 31.73 2.03 -5.32
CA LEU B 309 31.98 3.00 -6.38
C LEU B 309 33.41 2.80 -6.92
N LYS B 310 34.35 2.52 -6.03
CA LYS B 310 35.70 2.14 -6.42
C LYS B 310 35.63 0.83 -7.22
N SER B 311 35.01 -0.20 -6.65
CA SER B 311 34.90 -1.51 -7.29
C SER B 311 34.38 -1.43 -8.71
N LEU B 312 33.37 -0.60 -8.94
CA LEU B 312 32.71 -0.54 -10.24
C LEU B 312 33.43 0.36 -11.23
N TYR B 313 33.68 1.59 -10.83
CA TYR B 313 34.16 2.59 -11.76
C TYR B 313 35.68 2.72 -11.88
N LEU B 314 36.44 1.93 -11.11
CA LEU B 314 37.89 2.08 -10.98
C LEU B 314 38.68 0.77 -10.96
N SER B 315 38.06 -0.29 -10.46
CA SER B 315 38.73 -1.50 -10.07
C SER B 315 38.66 -2.67 -11.07
N GLY B 316 38.06 -2.44 -12.25
CA GLY B 316 37.98 -3.54 -13.22
C GLY B 316 36.89 -3.53 -14.28
N PRO B 317 35.61 -3.51 -13.87
CA PRO B 317 35.07 -3.58 -12.52
C PRO B 317 35.59 -4.76 -11.73
N ASP B 318 35.74 -4.59 -10.44
CA ASP B 318 36.04 -5.75 -9.61
C ASP B 318 34.69 -6.51 -9.34
N GLU B 319 34.33 -7.40 -10.23
CA GLU B 319 33.11 -8.21 -10.13
C GLU B 319 32.96 -8.97 -8.83
N GLU B 320 34.08 -9.41 -8.28
CA GLU B 320 34.09 -10.19 -7.05
C GLU B 320 33.77 -9.33 -5.81
N ALA B 321 34.33 -8.12 -5.76
CA ALA B 321 34.06 -7.23 -4.65
C ALA B 321 32.62 -6.72 -4.76
N ILE B 322 32.13 -6.57 -5.98
CA ILE B 322 30.73 -6.20 -6.26
C ILE B 322 29.80 -7.31 -5.76
N GLN B 323 30.16 -8.56 -5.98
CA GLN B 323 29.37 -9.66 -5.50
C GLN B 323 29.29 -9.72 -3.99
N GLY B 324 30.41 -9.52 -3.31
CA GLY B 324 30.40 -9.53 -1.86
C GLY B 324 29.66 -8.33 -1.31
N PHE B 325 29.70 -7.22 -2.06
CA PHE B 325 28.95 -6.01 -1.68
C PHE B 325 27.41 -6.25 -1.79
N PHE B 326 26.96 -6.87 -2.88
CA PHE B 326 25.59 -7.20 -3.07
C PHE B 326 25.05 -8.15 -1.98
N ASP B 327 25.80 -9.22 -1.70
CA ASP B 327 25.55 -10.10 -0.57
C ASP B 327 25.43 -9.38 0.76
N PHE B 328 26.33 -8.47 1.03
CA PHE B 328 26.25 -7.62 2.17
C PHE B 328 24.91 -6.83 2.25
N LEU B 329 24.48 -6.22 1.15
CA LEU B 329 23.24 -5.44 1.16
C LEU B 329 22.05 -6.36 1.30
N GLU B 330 22.10 -7.47 0.60
CA GLU B 330 21.04 -8.47 0.70
C GLU B 330 20.88 -8.93 2.15
N SER B 331 22.00 -9.16 2.88
CA SER B 331 21.95 -9.62 4.26
C SER B 331 21.41 -8.54 5.25
N LYS B 332 21.65 -7.28 4.94
CA LYS B 332 21.11 -6.20 5.68
C LYS B 332 19.73 -5.79 5.15
N MET B 333 19.22 -6.55 4.21
CA MET B 333 17.89 -6.29 3.65
C MET B 333 17.76 -4.94 2.97
N LEU B 334 18.88 -4.43 2.46
CA LEU B 334 18.81 -3.11 1.79
C LEU B 334 18.56 -3.34 0.32
N TYR B 335 17.33 -3.80 0.00
CA TYR B 335 16.93 -4.14 -1.35
C TYR B 335 16.80 -3.01 -2.39
N ALA B 336 16.35 -1.83 -1.99
CA ALA B 336 16.20 -0.77 -2.94
C ALA B 336 17.61 -0.36 -3.40
N ASP B 337 18.55 -0.19 -2.46
CA ASP B 337 19.95 0.15 -2.74
C ASP B 337 20.47 -0.94 -3.69
N LEU B 338 20.34 -2.21 -3.29
CA LEU B 338 20.80 -3.36 -4.07
C LEU B 338 20.33 -3.35 -5.56
N GLU B 339 19.04 -3.15 -5.81
CA GLU B 339 18.50 -3.10 -7.16
C GLU B 339 19.06 -1.94 -7.97
N ASP B 340 19.19 -0.78 -7.34
CA ASP B 340 19.70 0.40 -8.01
C ASP B 340 21.09 0.15 -8.45
N PHE B 341 21.96 -0.26 -7.52
CA PHE B 341 23.34 -0.62 -7.83
C PHE B 341 23.57 -1.74 -8.83
N ALA B 342 22.75 -2.77 -8.80
CA ALA B 342 22.83 -3.79 -9.79
C ALA B 342 22.54 -3.21 -11.20
N ILE B 343 21.55 -2.32 -11.31
CA ILE B 343 21.29 -1.56 -12.53
C ILE B 343 22.49 -0.67 -12.93
N ASP B 344 23.12 0.01 -11.99
CA ASP B 344 24.30 0.86 -12.27
C ASP B 344 25.43 0.08 -12.90
N VAL B 345 25.64 -1.13 -12.42
CA VAL B 345 26.60 -2.05 -12.98
C VAL B 345 26.19 -2.49 -14.38
N ALA B 346 24.92 -2.84 -14.58
CA ALA B 346 24.39 -3.21 -15.90
C ALA B 346 24.64 -2.08 -16.94
N LYS B 347 24.42 -0.85 -16.53
CA LYS B 347 24.46 0.28 -17.45
C LYS B 347 25.89 0.67 -17.78
N TYR B 348 26.78 0.49 -16.82
CA TYR B 348 28.14 0.80 -17.01
C TYR B 348 28.76 -0.14 -18.05
N TYR B 349 28.47 -1.44 -17.92
CA TYR B 349 28.91 -2.44 -18.91
C TYR B 349 28.22 -2.27 -20.25
N HIS B 350 26.98 -1.77 -20.23
CA HIS B 350 26.19 -1.56 -21.46
C HIS B 350 26.79 -0.43 -22.28
N GLU B 351 27.20 0.61 -21.60
CA GLU B 351 27.73 1.75 -22.29
C GLU B 351 29.06 1.41 -22.91
N ARG B 352 29.71 0.37 -22.38
CA ARG B 352 31.02 -0.07 -22.84
C ARG B 352 30.88 -1.23 -23.82
N LYS B 353 29.64 -1.46 -24.25
CA LYS B 353 29.26 -2.50 -25.20
C LYS B 353 29.67 -3.92 -24.75
N ASN B 354 29.86 -4.08 -23.44
CA ASN B 354 29.95 -5.42 -22.90
C ASN B 354 28.53 -5.84 -22.57
N PHE B 355 27.82 -6.34 -23.58
CA PHE B 355 26.43 -6.71 -23.48
C PHE B 355 26.22 -8.04 -22.73
N GLN B 356 27.21 -8.91 -22.71
CA GLN B 356 27.05 -10.15 -21.96
C GLN B 356 26.98 -9.92 -20.47
N LYS B 357 27.82 -8.99 -20.03
CA LYS B 357 27.97 -8.69 -18.62
C LYS B 357 26.87 -7.75 -18.11
N ALA B 358 26.53 -6.76 -18.93
CA ALA B 358 25.33 -5.94 -18.75
C ALA B 358 24.13 -6.82 -18.54
N SER B 359 24.01 -7.84 -19.35
CA SER B 359 22.87 -8.70 -19.38
C SER B 359 22.85 -9.59 -18.17
N ALA B 360 24.03 -9.83 -17.60
CA ALA B 360 24.10 -10.66 -16.42
C ALA B 360 23.63 -9.86 -15.20
N TYR B 361 24.02 -8.59 -15.11
CA TYR B 361 23.56 -7.71 -14.03
C TYR B 361 22.10 -7.27 -14.22
N PHE B 362 21.60 -7.17 -15.46
CA PHE B 362 20.18 -7.01 -15.65
C PHE B 362 19.44 -8.21 -15.06
N LEU B 363 20.04 -9.40 -15.11
CA LEU B 363 19.41 -10.58 -14.49
C LEU B 363 19.52 -10.63 -12.97
N LYS B 364 20.57 -10.06 -12.40
CA LYS B 364 20.67 -9.87 -10.99
C LYS B 364 19.50 -9.03 -10.45
N VAL B 365 19.26 -7.85 -11.03
CA VAL B 365 18.11 -7.01 -10.72
C VAL B 365 16.85 -7.80 -10.66
N GLU B 366 16.56 -8.55 -11.70
CA GLU B 366 15.36 -9.40 -11.67
C GLU B 366 15.32 -10.42 -10.53
N GLN B 367 16.48 -10.91 -10.13
CA GLN B 367 16.53 -11.83 -8.99
C GLN B 367 16.23 -11.14 -7.69
N VAL B 368 16.84 -9.97 -7.49
CA VAL B 368 16.58 -9.15 -6.34
C VAL B 368 15.10 -8.79 -6.30
N ARG B 369 14.51 -8.46 -7.45
N ARG B 369 14.51 -8.50 -7.46
CA ARG B 369 13.07 -8.12 -7.48
CA ARG B 369 13.08 -8.13 -7.52
C ARG B 369 12.20 -9.31 -7.09
C ARG B 369 12.17 -9.31 -7.20
N GLN B 370 12.70 -10.51 -7.29
CA GLN B 370 11.94 -11.75 -6.94
C GLN B 370 12.03 -12.17 -5.49
N LEU B 371 12.97 -11.64 -4.75
CA LEU B 371 13.10 -11.96 -3.34
C LEU B 371 11.81 -11.49 -2.62
N ILE B 372 11.47 -12.20 -1.55
CA ILE B 372 10.43 -11.81 -0.64
C ILE B 372 11.14 -10.75 0.21
N GLN B 373 10.88 -9.49 -0.11
CA GLN B 373 11.46 -8.35 0.56
C GLN B 373 10.55 -7.77 1.60
N GLY B 374 9.25 -8.09 1.55
CA GLY B 374 8.38 -7.56 2.60
C GLY B 374 7.30 -8.54 3.00
N GLY B 375 7.72 -9.77 3.31
CA GLY B 375 6.77 -10.84 3.51
C GLY B 375 5.92 -10.70 4.78
N VAL B 376 4.83 -11.44 4.82
CA VAL B 376 3.83 -11.21 5.82
C VAL B 376 3.39 -12.58 6.44
N SER B 377 2.80 -12.60 7.61
CA SER B 377 2.20 -13.82 8.13
C SER B 377 0.78 -13.54 8.60
N LEU B 378 -0.11 -14.46 8.29
CA LEU B 378 -1.46 -14.40 8.82
C LEU B 378 -1.54 -14.79 10.32
N TYR B 379 -2.27 -13.99 11.07
CA TYR B 379 -2.52 -14.32 12.46
C TYR B 379 -3.72 -15.29 12.59
N GLU B 380 -3.43 -16.55 12.93
CA GLU B 380 -4.44 -17.56 13.27
C GLU B 380 -5.40 -17.93 12.14
N ILE B 381 -4.90 -18.28 10.97
CA ILE B 381 -5.77 -18.62 9.86
C ILE B 381 -5.32 -19.98 9.36
N GLU B 382 -6.24 -20.93 9.33
CA GLU B 382 -5.93 -22.35 9.10
C GLU B 382 -5.67 -22.66 7.66
N VAL B 383 -4.63 -23.46 7.42
CA VAL B 383 -4.13 -23.89 6.10
C VAL B 383 -4.09 -22.75 5.11
#